data_3W08
#
_entry.id   3W08
#
_cell.length_a   152.946
_cell.length_b   84.458
_cell.length_c   76.360
_cell.angle_alpha   90.00
_cell.angle_beta   114.32
_cell.angle_gamma   90.00
#
_symmetry.space_group_name_H-M   'C 1 2 1'
#
loop_
_entity.id
_entity.type
_entity.pdbx_description
1 polymer 'Aldoxime dehydratase'
2 non-polymer 'PROTOPORPHYRIN IX CONTAINING FE'
3 water water
#
_entity_poly.entity_id   1
_entity_poly.type   'polypeptide(L)'
_entity_poly.pdbx_seq_one_letter_code
;MESAIDTHLKCPRTLSRRVPEEYQPPFPMWVARADEQLQQVVMGYLGVQYRGEAQREAALQAMRHIVSSFSLPDGPQTHD
LTHHTDSSGFDNLMVVGYWKDPAAHCRWLRSAEVNDWWTSQDRLGEGLGYFREISAPRAEQFETLYAFQDNLPGVGAVMD
STSGEIEEHGYWGSMRDRFPISQTDWMKPTNELQVVAGDPAKGGRVVIMGHDNIALIRSGQDWADAEAEERSLYLDEILP
TLQDGMDFLRDNGQPLGCYSNRFVRNIDLDGNFLDVSYNIGHWRSLEKLERWAESHPTHLRIFVTFFRVAAGLKKLRLYH
EVSVSDAKSQVFEYINCHPHTGMLRDAVVAPT
;
_entity_poly.pdbx_strand_id   A,B
#
# COMPACT_ATOMS: atom_id res chain seq x y z
N MET A 1 -8.30 23.04 19.80
CA MET A 1 -8.33 21.55 19.88
C MET A 1 -8.69 21.00 18.49
N GLU A 2 -7.88 20.05 18.03
CA GLU A 2 -7.95 19.48 16.69
C GLU A 2 -7.93 17.96 16.87
N SER A 3 -8.41 17.21 15.87
CA SER A 3 -8.19 15.75 15.86
C SER A 3 -6.78 15.48 15.40
N ALA A 4 -6.20 14.41 15.92
CA ALA A 4 -4.93 13.92 15.45
C ALA A 4 -4.99 13.43 13.99
N ILE A 5 -6.17 13.10 13.52
CA ILE A 5 -6.27 12.55 12.16
C ILE A 5 -6.41 13.71 11.20
N ASP A 6 -5.49 13.82 10.25
CA ASP A 6 -5.56 14.96 9.32
C ASP A 6 -6.81 14.93 8.46
N THR A 7 -7.24 16.11 8.06
CA THR A 7 -8.57 16.25 7.49
C THR A 7 -8.74 15.38 6.23
N HIS A 8 -7.69 15.20 5.42
CA HIS A 8 -7.81 14.39 4.21
C HIS A 8 -7.84 12.89 4.48
N LEU A 9 -7.55 12.49 5.72
CA LEU A 9 -7.53 11.08 6.09
C LEU A 9 -8.72 10.69 6.98
N LYS A 10 -9.62 11.64 7.20
CA LYS A 10 -10.85 11.35 7.95
C LYS A 10 -11.80 10.54 7.08
N CYS A 11 -12.43 9.51 7.67
CA CYS A 11 -13.30 8.55 6.96
C CYS A 11 -14.51 8.31 7.84
N PRO A 12 -15.64 7.93 7.26
CA PRO A 12 -16.74 7.37 8.06
C PRO A 12 -16.26 6.16 8.86
N ARG A 13 -16.45 6.22 10.18
CA ARG A 13 -15.93 5.21 11.08
C ARG A 13 -16.79 3.98 11.09
N THR A 14 -16.17 2.84 11.08
CA THR A 14 -16.89 1.61 11.37
C THR A 14 -16.40 1.00 12.65
N LEU A 15 -15.37 1.59 13.26
CA LEU A 15 -14.91 1.26 14.59
C LEU A 15 -14.94 2.55 15.42
N SER A 16 -15.38 2.47 16.66
CA SER A 16 -15.44 3.68 17.50
C SER A 16 -14.15 3.93 18.29
N ARG A 17 -13.85 5.23 18.43
CA ARG A 17 -12.78 5.75 19.32
C ARG A 17 -13.04 5.23 20.68
N ARG A 18 -12.03 5.21 21.51
CA ARG A 18 -12.24 4.75 22.83
C ARG A 18 -13.04 5.79 23.64
N VAL A 19 -12.89 7.06 23.34
CA VAL A 19 -13.49 8.10 24.18
C VAL A 19 -14.53 8.79 23.36
N PRO A 20 -15.57 9.32 24.04
CA PRO A 20 -16.57 10.05 23.32
C PRO A 20 -16.08 11.39 22.77
N GLU A 21 -16.90 11.99 21.92
CA GLU A 21 -16.61 13.25 21.29
C GLU A 21 -16.28 14.40 22.24
N GLU A 22 -16.82 14.34 23.44
CA GLU A 22 -16.64 15.40 24.43
C GLU A 22 -15.29 15.35 25.14
N TYR A 23 -14.54 14.27 24.95
CA TYR A 23 -13.28 14.07 25.66
C TYR A 23 -12.33 15.25 25.45
N GLN A 24 -11.72 15.71 26.54
CA GLN A 24 -10.67 16.75 26.50
C GLN A 24 -9.43 16.14 27.17
N PRO A 25 -8.27 16.28 26.57
CA PRO A 25 -7.07 15.70 27.19
C PRO A 25 -6.58 16.52 28.38
N PRO A 26 -5.73 15.91 29.21
CA PRO A 26 -5.27 16.46 30.47
C PRO A 26 -4.18 17.54 30.36
N PHE A 27 -3.49 17.59 29.23
CA PHE A 27 -2.38 18.51 28.99
C PHE A 27 -2.10 18.55 27.48
N PRO A 28 -1.44 19.60 26.98
CA PRO A 28 -1.14 19.69 25.55
C PRO A 28 -0.11 18.66 25.06
N MET A 29 -0.41 18.12 23.88
CA MET A 29 0.54 17.32 23.06
C MET A 29 0.19 17.59 21.61
N TRP A 30 1.18 17.33 20.75
CA TRP A 30 1.15 17.66 19.34
C TRP A 30 1.53 16.44 18.48
N VAL A 31 1.14 16.52 17.22
CA VAL A 31 1.40 15.49 16.24
C VAL A 31 2.02 16.13 14.99
N ALA A 32 2.69 15.30 14.18
CA ALA A 32 3.24 15.76 12.90
C ALA A 32 2.08 15.76 11.89
N ARG A 33 2.05 16.74 11.01
CA ARG A 33 1.13 16.87 9.89
C ARG A 33 1.82 16.82 8.53
N ALA A 34 1.10 16.28 7.55
CA ALA A 34 1.53 16.33 6.14
C ALA A 34 0.26 16.34 5.28
N ASP A 35 0.33 16.99 4.15
CA ASP A 35 -0.84 17.05 3.27
C ASP A 35 -0.94 15.77 2.42
N GLU A 36 -1.86 15.81 1.46
CA GLU A 36 -2.23 14.61 0.67
C GLU A 36 -1.09 14.08 -0.21
N GLN A 37 -0.03 14.88 -0.36
CA GLN A 37 1.10 14.44 -1.18
C GLN A 37 1.92 13.38 -0.49
N LEU A 38 1.86 13.35 0.84
CA LEU A 38 2.60 12.33 1.62
C LEU A 38 1.75 11.08 1.66
N GLN A 39 2.10 10.11 0.82
CA GLN A 39 1.35 8.88 0.66
C GLN A 39 1.87 7.75 1.55
N GLN A 40 3.20 7.64 1.58
CA GLN A 40 3.87 6.55 2.23
C GLN A 40 5.27 7.03 2.60
N VAL A 41 5.77 6.65 3.77
CA VAL A 41 7.13 6.93 4.14
C VAL A 41 7.86 5.58 4.11
N VAL A 42 9.18 5.64 4.03
CA VAL A 42 10.03 4.49 4.16
C VAL A 42 10.94 4.76 5.33
N MET A 43 10.96 3.79 6.24
CA MET A 43 11.82 3.78 7.40
C MET A 43 12.81 2.64 7.24
N GLY A 44 14.07 2.98 7.02
CA GLY A 44 15.08 1.97 6.72
C GLY A 44 16.16 1.96 7.78
N TYR A 45 16.20 0.89 8.58
CA TYR A 45 17.24 0.63 9.59
C TYR A 45 18.32 -0.26 8.99
N LEU A 46 19.52 0.27 8.85
CA LEU A 46 20.66 -0.46 8.34
C LEU A 46 21.70 -0.64 9.43
N GLY A 47 22.09 -1.89 9.69
CA GLY A 47 22.96 -2.21 10.81
C GLY A 47 24.27 -2.88 10.44
N VAL A 48 25.24 -2.66 11.30
CA VAL A 48 26.54 -3.34 11.32
C VAL A 48 26.69 -3.93 12.72
N GLN A 49 26.91 -5.23 12.78
CA GLN A 49 27.03 -5.94 14.01
C GLN A 49 28.45 -6.46 14.16
N TYR A 50 29.01 -6.32 15.36
CA TYR A 50 30.36 -6.82 15.62
C TYR A 50 30.52 -7.30 17.06
N ARG A 51 31.58 -8.06 17.31
CA ARG A 51 31.83 -8.51 18.64
C ARG A 51 33.23 -8.12 19.08
N GLY A 52 33.27 -7.30 20.11
CA GLY A 52 34.47 -6.99 20.83
C GLY A 52 35.23 -5.81 20.26
N GLU A 53 36.22 -5.40 21.06
CA GLU A 53 37.16 -4.38 20.71
C GLU A 53 37.88 -4.70 19.41
N ALA A 54 38.09 -6.00 19.19
CA ALA A 54 38.81 -6.51 18.03
C ALA A 54 38.25 -5.98 16.70
N GLN A 55 36.94 -5.82 16.63
CA GLN A 55 36.27 -5.46 15.36
C GLN A 55 35.63 -4.05 15.39
N ARG A 56 35.83 -3.30 16.47
CA ARG A 56 35.24 -1.95 16.58
C ARG A 56 35.60 -0.99 15.43
N GLU A 57 36.89 -0.84 15.09
CA GLU A 57 37.22 0.09 14.01
C GLU A 57 36.71 -0.36 12.65
N ALA A 58 36.75 -1.66 12.37
CA ALA A 58 36.23 -2.16 11.10
C ALA A 58 34.73 -1.84 10.98
N ALA A 59 34.01 -2.00 12.09
CA ALA A 59 32.56 -1.77 12.12
C ALA A 59 32.24 -0.30 11.85
N LEU A 60 32.98 0.59 12.49
CA LEU A 60 32.73 2.01 12.28
C LEU A 60 33.03 2.38 10.84
N GLN A 61 34.04 1.75 10.25
CA GLN A 61 34.39 2.08 8.86
C GLN A 61 33.30 1.55 7.89
N ALA A 62 32.77 0.36 8.16
CA ALA A 62 31.65 -0.17 7.37
C ALA A 62 30.47 0.79 7.50
N MET A 63 30.21 1.28 8.72
CA MET A 63 29.06 2.17 8.89
C MET A 63 29.32 3.51 8.22
N ARG A 64 30.55 3.99 8.25
CA ARG A 64 30.89 5.19 7.46
C ARG A 64 30.56 4.99 5.98
N HIS A 65 30.86 3.82 5.46
CA HIS A 65 30.53 3.52 4.09
C HIS A 65 29.02 3.58 3.85
N ILE A 66 28.26 2.95 4.73
CA ILE A 66 26.78 2.97 4.59
C ILE A 66 26.22 4.40 4.66
N VAL A 67 26.64 5.15 5.68
CA VAL A 67 26.14 6.51 5.83
C VAL A 67 26.52 7.34 4.61
N SER A 68 27.72 7.15 4.10
CA SER A 68 28.13 7.82 2.90
C SER A 68 27.22 7.49 1.71
N SER A 69 26.79 6.22 1.63
CA SER A 69 25.82 5.81 0.61
C SER A 69 24.53 6.63 0.67
N PHE A 70 24.12 7.10 1.86
CA PHE A 70 22.92 7.91 1.96
C PHE A 70 23.04 9.22 1.21
N SER A 71 24.27 9.64 0.89
CA SER A 71 24.47 10.89 0.19
C SER A 71 24.32 10.73 -1.30
N LEU A 72 24.19 9.49 -1.77
CA LEU A 72 23.97 9.23 -3.19
C LEU A 72 22.62 9.76 -3.63
N PRO A 73 22.41 9.87 -4.94
CA PRO A 73 21.10 10.31 -5.43
C PRO A 73 19.96 9.43 -4.89
N ASP A 74 18.83 10.07 -4.57
CA ASP A 74 17.65 9.39 -4.01
C ASP A 74 17.86 8.78 -2.64
N GLY A 75 18.94 9.15 -1.98
CA GLY A 75 19.13 8.82 -0.58
C GLY A 75 18.02 9.37 0.31
N PRO A 76 18.00 8.98 1.57
CA PRO A 76 16.93 9.45 2.45
C PRO A 76 17.05 10.94 2.77
N GLN A 77 15.93 11.53 3.13
CA GLN A 77 15.83 12.95 3.48
C GLN A 77 16.58 13.26 4.75
N THR A 78 16.52 12.32 5.68
CA THR A 78 17.00 12.49 7.01
C THR A 78 17.56 11.13 7.49
N HIS A 79 18.50 11.14 8.42
CA HIS A 79 19.03 9.94 9.03
C HIS A 79 19.68 10.24 10.38
N ASP A 80 19.77 9.21 11.22
CA ASP A 80 20.52 9.27 12.47
C ASP A 80 21.10 7.91 12.84
N LEU A 81 22.19 7.96 13.61
CA LEU A 81 23.02 6.79 13.88
C LEU A 81 23.09 6.46 15.36
N THR A 82 22.92 5.18 15.71
CA THR A 82 22.89 4.78 17.10
C THR A 82 23.78 3.55 17.35
N HIS A 83 24.02 3.30 18.62
CA HIS A 83 24.72 2.13 19.08
C HIS A 83 23.95 1.47 20.20
N HIS A 84 24.00 0.12 20.22
CA HIS A 84 23.62 -0.62 21.42
C HIS A 84 24.37 -1.95 21.50
N THR A 85 24.52 -2.45 22.71
CA THR A 85 25.04 -3.79 22.95
C THR A 85 23.86 -4.69 23.27
N ASP A 86 23.74 -5.81 22.55
CA ASP A 86 22.60 -6.70 22.71
C ASP A 86 22.82 -7.75 23.80
N SER A 87 21.79 -8.53 24.08
CA SER A 87 21.85 -9.47 25.18
C SER A 87 22.83 -10.60 24.89
N SER A 88 23.23 -10.76 23.62
CA SER A 88 24.22 -11.76 23.24
C SER A 88 25.66 -11.28 23.33
N GLY A 89 25.84 -10.02 23.72
CA GLY A 89 27.14 -9.40 23.93
C GLY A 89 27.69 -8.79 22.65
N PHE A 90 26.87 -8.69 21.60
CA PHE A 90 27.32 -8.12 20.36
C PHE A 90 27.03 -6.64 20.32
N ASP A 91 27.95 -5.88 19.75
CA ASP A 91 27.68 -4.46 19.49
C ASP A 91 26.97 -4.23 18.14
N ASN A 92 26.09 -3.23 18.09
CA ASN A 92 25.29 -3.00 16.91
C ASN A 92 25.27 -1.52 16.61
N LEU A 93 25.78 -1.17 15.43
CA LEU A 93 25.63 0.18 14.91
C LEU A 93 24.45 0.21 13.98
N MET A 94 23.52 1.13 14.18
CA MET A 94 22.33 1.21 13.34
C MET A 94 22.10 2.63 12.88
N VAL A 95 22.00 2.79 11.56
CA VAL A 95 21.54 4.04 10.98
C VAL A 95 20.12 3.90 10.43
N VAL A 96 19.27 4.85 10.76
CA VAL A 96 17.89 4.91 10.20
C VAL A 96 17.85 6.06 9.19
N GLY A 97 17.36 5.76 8.00
CA GLY A 97 17.01 6.72 7.00
C GLY A 97 15.50 6.80 6.81
N TYR A 98 15.02 8.01 6.65
CA TYR A 98 13.61 8.26 6.37
C TYR A 98 13.48 8.83 4.97
N TRP A 99 12.59 8.23 4.16
CA TRP A 99 12.20 8.77 2.86
C TRP A 99 10.72 9.20 2.92
N LYS A 100 10.39 10.31 2.27
CA LYS A 100 8.99 10.71 2.09
C LYS A 100 8.39 10.23 0.76
N ASP A 101 9.18 9.55 -0.06
CA ASP A 101 8.69 9.02 -1.33
C ASP A 101 9.26 7.64 -1.58
N PRO A 102 8.39 6.65 -1.67
CA PRO A 102 8.91 5.29 -1.81
C PRO A 102 9.58 4.99 -3.17
N ALA A 103 9.14 5.65 -4.24
CA ALA A 103 9.85 5.50 -5.51
C ALA A 103 11.32 5.89 -5.39
N ALA A 104 11.62 7.01 -4.72
CA ALA A 104 13.03 7.45 -4.52
C ALA A 104 13.79 6.37 -3.75
N HIS A 105 13.21 5.88 -2.66
CA HIS A 105 13.81 4.79 -1.87
C HIS A 105 14.17 3.61 -2.76
N CYS A 106 13.25 3.20 -3.61
CA CYS A 106 13.47 2.02 -4.46
C CYS A 106 14.56 2.28 -5.50
N ARG A 107 14.57 3.49 -6.07
CA ARG A 107 15.66 3.86 -7.01
C ARG A 107 17.02 3.75 -6.32
N TRP A 108 17.11 4.22 -5.09
CA TRP A 108 18.32 4.21 -4.33
C TRP A 108 18.71 2.77 -4.04
N LEU A 109 17.76 2.00 -3.54
CA LEU A 109 18.05 0.65 -3.10
C LEU A 109 18.48 -0.26 -4.23
N ARG A 110 17.88 -0.04 -5.42
CA ARG A 110 18.18 -0.84 -6.59
C ARG A 110 19.39 -0.32 -7.41
N SER A 111 19.94 0.82 -6.99
CA SER A 111 21.01 1.45 -7.75
C SER A 111 22.20 0.53 -7.70
N ALA A 112 23.01 0.54 -8.76
CA ALA A 112 24.20 -0.32 -8.81
C ALA A 112 25.09 -0.14 -7.60
N GLU A 113 25.39 1.10 -7.24
CA GLU A 113 26.35 1.32 -6.16
C GLU A 113 25.86 0.70 -4.83
N VAL A 114 24.58 0.85 -4.54
CA VAL A 114 24.02 0.34 -3.31
C VAL A 114 23.83 -1.17 -3.42
N ASN A 115 23.12 -1.61 -4.44
CA ASN A 115 22.76 -3.04 -4.53
C ASN A 115 23.97 -3.95 -4.77
N ASP A 116 24.96 -3.48 -5.53
CA ASP A 116 26.18 -4.28 -5.77
C ASP A 116 26.92 -4.51 -4.45
N TRP A 117 27.00 -3.48 -3.63
CA TRP A 117 27.64 -3.61 -2.33
C TRP A 117 26.91 -4.61 -1.45
N TRP A 118 25.60 -4.45 -1.33
CA TRP A 118 24.82 -5.30 -0.41
C TRP A 118 24.78 -6.77 -0.88
N THR A 119 24.79 -6.99 -2.19
CA THR A 119 24.68 -8.36 -2.76
C THR A 119 26.02 -9.04 -3.01
N SER A 120 27.13 -8.33 -2.79
CA SER A 120 28.46 -8.90 -3.05
C SER A 120 28.81 -10.05 -2.14
N GLN A 121 29.40 -11.09 -2.74
CA GLN A 121 29.92 -12.22 -1.97
C GLN A 121 30.95 -11.72 -0.96
N ASP A 122 31.55 -10.56 -1.21
CA ASP A 122 32.57 -10.00 -0.33
C ASP A 122 32.03 -9.69 1.06
N ARG A 123 30.72 -9.42 1.18
CA ARG A 123 30.10 -9.13 2.48
C ARG A 123 30.19 -10.32 3.43
N LEU A 124 30.36 -11.51 2.87
CA LEU A 124 30.35 -12.73 3.69
C LEU A 124 31.68 -13.01 4.39
N GLY A 125 32.77 -12.39 3.92
CA GLY A 125 34.08 -12.67 4.49
C GLY A 125 34.68 -11.58 5.36
N GLU A 126 33.86 -10.66 5.85
CA GLU A 126 34.39 -9.46 6.50
C GLU A 126 34.35 -9.48 8.02
N GLY A 127 33.87 -10.59 8.60
CA GLY A 127 33.88 -10.75 10.03
C GLY A 127 32.95 -9.77 10.74
N LEU A 128 32.05 -9.17 9.96
CA LEU A 128 31.00 -8.31 10.49
C LEU A 128 29.66 -8.88 10.09
N GLY A 129 28.63 -8.55 10.87
CA GLY A 129 27.25 -8.79 10.47
C GLY A 129 26.69 -7.52 9.86
N TYR A 130 25.83 -7.66 8.85
CA TYR A 130 25.09 -6.53 8.28
C TYR A 130 23.62 -6.86 8.24
N PHE A 131 22.76 -5.87 8.45
CA PHE A 131 21.36 -6.11 8.31
C PHE A 131 20.57 -4.93 7.80
N ARG A 132 19.37 -5.23 7.26
CA ARG A 132 18.41 -4.25 6.77
C ARG A 132 17.02 -4.60 7.28
N GLU A 133 16.37 -3.67 7.95
CA GLU A 133 15.02 -3.82 8.42
C GLU A 133 14.29 -2.57 7.92
N ILE A 134 13.46 -2.75 6.90
CA ILE A 134 12.89 -1.61 6.16
C ILE A 134 11.38 -1.78 6.15
N SER A 135 10.62 -0.72 6.39
CA SER A 135 9.15 -0.80 6.33
C SER A 135 8.63 0.43 5.68
N ALA A 136 7.48 0.33 5.03
CA ALA A 136 6.93 1.51 4.35
C ALA A 136 5.43 1.65 4.72
N PRO A 137 5.14 2.21 5.90
CA PRO A 137 3.76 2.50 6.24
C PRO A 137 3.17 3.57 5.37
N ARG A 138 1.91 3.38 4.98
CA ARG A 138 1.20 4.48 4.35
C ARG A 138 0.90 5.57 5.39
N ALA A 139 0.45 6.74 4.93
CA ALA A 139 0.11 7.86 5.84
C ALA A 139 -0.97 7.42 6.84
N GLU A 140 -1.86 6.52 6.39
CA GLU A 140 -2.93 5.95 7.23
C GLU A 140 -2.44 5.03 8.36
N GLN A 141 -1.19 4.58 8.23
CA GLN A 141 -0.63 3.51 9.02
C GLN A 141 0.41 3.94 10.03
N PHE A 142 0.44 5.23 10.40
CA PHE A 142 1.36 5.62 11.47
C PHE A 142 0.77 6.80 12.22
N GLU A 143 1.31 7.00 13.42
CA GLU A 143 0.94 8.10 14.30
C GLU A 143 2.19 8.57 15.00
N THR A 144 2.20 9.85 15.38
CA THR A 144 3.29 10.43 16.11
C THR A 144 2.70 11.19 17.27
N LEU A 145 3.48 11.37 18.34
CA LEU A 145 3.00 12.14 19.48
C LEU A 145 4.23 12.80 20.12
N TYR A 146 4.22 14.14 20.20
CA TYR A 146 5.33 14.90 20.72
C TYR A 146 4.90 15.75 21.90
N ALA A 147 5.75 15.79 22.92
CA ALA A 147 5.57 16.71 24.02
C ALA A 147 6.25 18.05 23.74
N PHE A 148 6.36 18.43 22.49
CA PHE A 148 6.99 19.70 22.12
C PHE A 148 6.57 19.98 20.68
N GLN A 149 6.90 21.18 20.18
CA GLN A 149 6.39 21.59 18.86
C GLN A 149 7.40 21.79 17.75
N ASP A 150 8.66 22.01 18.11
CA ASP A 150 9.69 22.41 17.13
C ASP A 150 10.67 21.31 16.90
N ASN A 151 11.27 21.30 15.71
CA ASN A 151 12.38 20.42 15.41
C ASN A 151 12.04 18.94 15.65
N LEU A 152 10.98 18.49 15.01
CA LEU A 152 10.47 17.11 15.20
C LEU A 152 11.48 16.10 14.73
N PRO A 153 11.81 15.12 15.57
CA PRO A 153 12.76 14.08 15.23
C PRO A 153 12.08 12.90 14.57
N GLY A 154 12.89 11.93 14.14
CA GLY A 154 12.40 10.74 13.49
C GLY A 154 11.56 11.07 12.27
N VAL A 155 10.43 10.38 12.10
CA VAL A 155 9.58 10.55 10.91
C VAL A 155 9.01 11.95 10.81
N GLY A 156 8.84 12.63 11.95
CA GLY A 156 8.30 13.97 11.93
C GLY A 156 9.13 14.93 11.12
N ALA A 157 10.44 14.67 11.04
CA ALA A 157 11.32 15.52 10.30
C ALA A 157 11.05 15.51 8.82
N VAL A 158 10.42 14.47 8.30
CA VAL A 158 10.11 14.43 6.85
C VAL A 158 8.65 14.83 6.57
N MET A 159 7.92 15.21 7.61
CA MET A 159 6.56 15.68 7.39
C MET A 159 6.53 17.20 7.24
N ASP A 160 5.36 17.81 7.18
CA ASP A 160 5.30 19.21 6.75
C ASP A 160 5.36 20.25 7.87
N SER A 161 4.65 19.96 8.96
CA SER A 161 4.44 20.93 10.02
C SER A 161 4.03 20.20 11.29
N THR A 162 3.88 20.97 12.37
CA THR A 162 3.31 20.49 13.63
C THR A 162 1.87 20.91 13.79
N SER A 163 1.04 20.03 14.34
CA SER A 163 -0.36 20.35 14.57
C SER A 163 -0.48 21.37 15.68
N GLY A 164 -1.72 21.80 15.94
CA GLY A 164 -2.05 22.41 17.21
C GLY A 164 -2.31 21.30 18.21
N GLU A 165 -2.74 21.67 19.41
CA GLU A 165 -3.01 20.67 20.45
C GLU A 165 -4.06 19.67 19.96
N ILE A 166 -3.87 18.38 20.21
CA ILE A 166 -4.74 17.34 19.65
C ILE A 166 -5.61 16.72 20.75
N GLU A 167 -6.76 16.20 20.37
CA GLU A 167 -7.71 15.58 21.33
C GLU A 167 -7.28 14.20 21.79
N GLU A 168 -6.81 13.37 20.86
CA GLU A 168 -6.70 11.95 21.09
C GLU A 168 -5.40 11.56 21.77
N HIS A 169 -5.26 11.95 23.03
CA HIS A 169 -4.17 11.42 23.82
C HIS A 169 -4.55 11.48 25.27
N GLY A 170 -3.76 10.84 26.12
CA GLY A 170 -3.94 10.91 27.59
C GLY A 170 -4.78 9.76 28.11
N TYR A 171 -5.06 8.77 27.27
CA TYR A 171 -5.82 7.55 27.70
C TYR A 171 -5.29 6.34 26.95
N TRP A 172 -5.39 5.18 27.58
CA TRP A 172 -4.97 3.92 26.91
C TRP A 172 -5.92 3.63 25.79
N GLY A 173 -5.38 3.41 24.59
CA GLY A 173 -6.19 3.34 23.39
C GLY A 173 -5.99 4.54 22.46
N SER A 174 -5.40 5.60 22.98
CA SER A 174 -5.23 6.83 22.24
C SER A 174 -4.22 6.70 21.09
N MET A 175 -3.15 5.93 21.28
CA MET A 175 -2.23 5.64 20.24
C MET A 175 -3.00 5.07 19.02
N ARG A 176 -3.81 4.07 19.30
CA ARG A 176 -4.57 3.43 18.25
C ARG A 176 -5.47 4.43 17.55
N ASP A 177 -6.18 5.27 18.33
CA ASP A 177 -7.09 6.30 17.79
C ASP A 177 -6.37 7.33 16.94
N ARG A 178 -5.07 7.49 17.12
CA ARG A 178 -4.32 8.45 16.31
C ARG A 178 -3.95 7.89 14.90
N PHE A 179 -4.03 6.57 14.71
CA PHE A 179 -3.79 5.94 13.41
C PHE A 179 -5.05 6.21 12.59
N PRO A 180 -4.93 6.91 11.42
CA PRO A 180 -6.14 7.07 10.60
C PRO A 180 -6.80 5.73 10.24
N ILE A 181 -6.04 4.66 10.07
CA ILE A 181 -6.61 3.38 9.60
C ILE A 181 -7.50 2.74 10.71
N SER A 182 -7.35 3.18 11.96
CA SER A 182 -8.16 2.65 13.07
C SER A 182 -9.62 3.03 12.94
N GLN A 183 -9.92 4.02 12.08
CA GLN A 183 -11.31 4.36 11.82
C GLN A 183 -12.13 3.19 11.28
N THR A 184 -11.48 2.26 10.57
CA THR A 184 -12.16 1.14 9.91
C THR A 184 -11.50 -0.26 10.07
N ASP A 185 -10.29 -0.32 10.63
CA ASP A 185 -9.46 -1.53 10.58
C ASP A 185 -8.90 -1.83 11.93
N TRP A 186 -9.11 -3.07 12.37
CA TRP A 186 -8.53 -3.56 13.63
C TRP A 186 -6.98 -3.73 13.65
N MET A 187 -6.31 -3.67 12.49
CA MET A 187 -4.87 -3.83 12.43
C MET A 187 -4.45 -5.15 13.03
N LYS A 188 -5.16 -6.22 12.68
CA LYS A 188 -4.81 -7.54 13.24
C LYS A 188 -3.61 -8.13 12.50
N PRO A 189 -2.75 -8.84 13.22
CA PRO A 189 -1.68 -9.58 12.56
C PRO A 189 -2.27 -10.78 11.81
N THR A 190 -1.68 -11.16 10.68
CA THR A 190 -1.98 -12.46 10.09
C THR A 190 -0.65 -13.09 9.71
N ASN A 191 -0.64 -14.40 9.75
CA ASN A 191 0.54 -15.18 9.39
C ASN A 191 1.71 -14.92 10.36
N GLU A 192 2.91 -15.23 9.99
CA GLU A 192 4.02 -15.17 10.92
C GLU A 192 5.27 -14.76 10.20
N LEU A 193 6.26 -14.31 10.94
CA LEU A 193 7.61 -14.18 10.40
C LEU A 193 8.02 -15.52 9.87
N GLN A 194 8.57 -15.54 8.69
CA GLN A 194 8.95 -16.79 8.05
C GLN A 194 10.29 -16.71 7.38
N VAL A 195 11.13 -17.70 7.65
CA VAL A 195 12.40 -17.79 6.94
C VAL A 195 12.12 -18.24 5.50
N VAL A 196 12.57 -17.43 4.54
CA VAL A 196 12.38 -17.69 3.15
C VAL A 196 13.64 -17.81 2.33
N ALA A 197 14.79 -17.46 2.88
CA ALA A 197 16.11 -17.80 2.29
C ALA A 197 17.13 -17.94 3.41
N GLY A 198 18.07 -18.88 3.27
CA GLY A 198 19.09 -19.06 4.28
C GLY A 198 18.60 -19.72 5.56
N ASP A 199 19.44 -19.66 6.60
CA ASP A 199 19.13 -20.35 7.85
C ASP A 199 19.60 -19.46 9.00
N PRO A 200 18.68 -18.91 9.82
CA PRO A 200 19.11 -18.03 10.93
C PRO A 200 20.20 -18.64 11.82
N ALA A 201 20.20 -19.96 11.96
CA ALA A 201 21.13 -20.62 12.88
C ALA A 201 22.57 -20.66 12.35
N LYS A 202 22.76 -20.50 11.04
CA LYS A 202 24.03 -20.82 10.39
C LYS A 202 24.75 -19.62 9.80
N GLY A 203 24.24 -18.43 10.07
CA GLY A 203 24.81 -17.21 9.52
C GLY A 203 24.57 -17.13 8.03
N GLY A 204 25.50 -16.49 7.32
CA GLY A 204 25.33 -16.26 5.92
C GLY A 204 24.22 -15.27 5.65
N ARG A 205 23.70 -15.28 4.44
CA ARG A 205 22.62 -14.39 4.02
C ARG A 205 21.27 -15.02 4.33
N VAL A 206 20.44 -14.33 5.10
CA VAL A 206 19.13 -14.82 5.54
C VAL A 206 18.10 -13.80 5.21
N VAL A 207 16.99 -14.24 4.62
CA VAL A 207 15.84 -13.38 4.36
C VAL A 207 14.65 -13.86 5.19
N ILE A 208 14.05 -12.95 5.96
CA ILE A 208 12.85 -13.21 6.73
C ILE A 208 11.70 -12.47 6.05
N MET A 209 10.70 -13.23 5.66
CA MET A 209 9.44 -12.63 5.17
C MET A 209 8.63 -12.12 6.32
N GLY A 210 8.12 -10.90 6.14
CA GLY A 210 7.30 -10.31 7.19
C GLY A 210 5.86 -10.72 7.15
N HIS A 211 5.02 -10.01 7.92
CA HIS A 211 3.61 -10.26 7.88
C HIS A 211 2.82 -9.00 8.07
N ASP A 212 1.57 -9.01 7.63
CA ASP A 212 0.79 -7.80 7.78
C ASP A 212 0.64 -7.34 9.24
N ASN A 213 0.79 -6.04 9.39
CA ASN A 213 0.49 -5.30 10.66
C ASN A 213 1.43 -5.53 11.81
N ILE A 214 2.69 -5.91 11.49
CA ILE A 214 3.79 -5.74 12.43
C ILE A 214 3.82 -4.28 12.88
N ALA A 215 3.89 -4.05 14.18
CA ALA A 215 3.95 -2.71 14.75
C ALA A 215 5.38 -2.37 15.09
N LEU A 216 5.78 -1.14 14.78
CA LEU A 216 7.14 -0.70 15.05
C LEU A 216 7.05 0.62 15.83
N ILE A 217 7.64 0.66 17.00
CA ILE A 217 7.64 1.87 17.83
C ILE A 217 9.06 2.42 17.91
N ARG A 218 9.22 3.73 17.72
CA ARG A 218 10.43 4.45 18.10
C ARG A 218 9.97 5.47 19.16
N SER A 219 10.35 5.23 20.41
CA SER A 219 10.00 6.12 21.48
C SER A 219 11.29 6.70 22.03
N GLY A 220 11.41 8.02 22.02
CA GLY A 220 12.68 8.68 22.23
C GLY A 220 12.77 9.70 23.35
N GLN A 221 14.01 9.90 23.77
CA GLN A 221 14.41 10.80 24.88
C GLN A 221 15.61 11.65 24.42
N ASP A 222 15.49 12.96 24.49
CA ASP A 222 16.54 13.89 24.05
C ASP A 222 16.68 14.87 25.21
N TRP A 223 17.77 14.73 25.94
CA TRP A 223 18.11 15.57 27.07
C TRP A 223 19.31 16.48 26.76
N ALA A 224 19.66 16.63 25.49
CA ALA A 224 20.93 17.29 25.09
C ALA A 224 20.96 18.77 25.42
N ASP A 225 19.77 19.38 25.48
CA ASP A 225 19.59 20.80 25.74
C ASP A 225 19.17 21.09 27.17
N ALA A 226 18.92 20.06 27.98
CA ALA A 226 18.44 20.27 29.35
C ALA A 226 19.52 20.83 30.29
N GLU A 227 19.09 21.70 31.21
CA GLU A 227 19.94 22.24 32.24
C GLU A 227 20.08 21.22 33.37
N ALA A 228 20.86 21.54 34.40
CA ALA A 228 21.11 20.61 35.51
C ALA A 228 19.83 20.03 36.06
N GLU A 229 18.77 20.84 36.08
CA GLU A 229 17.47 20.47 36.66
C GLU A 229 16.75 19.39 35.86
N GLU A 230 16.42 19.70 34.60
CA GLU A 230 15.81 18.73 33.73
C GLU A 230 16.75 17.57 33.41
N ARG A 231 18.07 17.80 33.35
CA ARG A 231 19.03 16.68 33.16
C ARG A 231 18.94 15.67 34.27
N SER A 232 18.84 16.14 35.51
CA SER A 232 18.70 15.26 36.66
C SER A 232 17.33 14.54 36.69
N LEU A 233 16.26 15.26 36.38
CA LEU A 233 14.92 14.66 36.31
C LEU A 233 15.03 13.43 35.40
N TYR A 234 15.59 13.62 34.22
CA TYR A 234 15.69 12.51 33.27
C TYR A 234 16.64 11.41 33.75
N LEU A 235 17.91 11.74 34.00
CA LEU A 235 18.91 10.69 34.19
C LEU A 235 18.74 9.99 35.52
N ASP A 236 18.24 10.70 36.52
CA ASP A 236 18.15 10.16 37.87
C ASP A 236 16.76 9.59 38.16
N GLU A 237 15.71 10.21 37.62
CA GLU A 237 14.32 9.82 37.98
C GLU A 237 13.53 9.07 36.90
N ILE A 238 13.85 9.25 35.64
CA ILE A 238 13.17 8.50 34.59
C ILE A 238 14.00 7.33 34.05
N LEU A 239 15.25 7.59 33.67
CA LEU A 239 16.06 6.54 33.05
C LEU A 239 16.20 5.21 33.79
N PRO A 240 16.40 5.19 35.13
CA PRO A 240 16.58 3.88 35.74
C PRO A 240 15.36 2.95 35.56
N THR A 241 14.16 3.53 35.61
CA THR A 241 12.95 2.76 35.39
C THR A 241 12.77 2.39 33.92
N LEU A 242 13.04 3.32 33.02
CA LEU A 242 13.00 3.02 31.62
C LEU A 242 13.97 1.89 31.26
N GLN A 243 15.19 1.97 31.77
CA GLN A 243 16.18 0.91 31.57
C GLN A 243 15.62 -0.44 32.03
N ASP A 244 14.98 -0.47 33.19
CA ASP A 244 14.39 -1.73 33.67
C ASP A 244 13.31 -2.22 32.67
N GLY A 245 12.50 -1.30 32.15
CA GLY A 245 11.52 -1.67 31.16
C GLY A 245 12.09 -2.21 29.87
N MET A 246 13.15 -1.58 29.38
CA MET A 246 13.80 -2.00 28.15
C MET A 246 14.51 -3.35 28.31
N ASP A 247 15.19 -3.54 29.42
CA ASP A 247 15.77 -4.85 29.76
C ASP A 247 14.70 -5.93 29.82
N PHE A 248 13.55 -5.60 30.39
CA PHE A 248 12.47 -6.54 30.49
C PHE A 248 12.00 -6.97 29.10
N LEU A 249 11.76 -6.01 28.21
CA LEU A 249 11.32 -6.34 26.86
C LEU A 249 12.38 -7.12 26.07
N ARG A 250 13.64 -6.70 26.21
CA ARG A 250 14.76 -7.38 25.58
C ARG A 250 14.86 -8.84 25.97
N ASP A 251 14.64 -9.13 27.23
CA ASP A 251 14.94 -10.44 27.76
C ASP A 251 13.72 -11.32 27.98
N ASN A 252 12.52 -10.73 27.97
CA ASN A 252 11.30 -11.43 28.31
C ASN A 252 10.18 -11.13 27.31
N GLY A 253 10.52 -10.45 26.23
CA GLY A 253 9.52 -10.01 25.27
C GLY A 253 8.90 -11.06 24.38
N GLN A 254 9.59 -12.17 24.15
CA GLN A 254 9.13 -13.15 23.15
C GLN A 254 7.68 -13.61 23.37
N PRO A 255 7.33 -14.04 24.62
CA PRO A 255 5.99 -14.50 24.85
C PRO A 255 4.93 -13.42 24.81
N LEU A 256 5.34 -12.16 24.85
CA LEU A 256 4.44 -10.98 24.79
C LEU A 256 4.21 -10.48 23.40
N GLY A 257 4.94 -11.02 22.42
CA GLY A 257 4.79 -10.62 21.02
C GLY A 257 5.76 -9.51 20.64
N CYS A 258 6.77 -9.28 21.47
CA CYS A 258 7.83 -8.32 21.14
C CYS A 258 8.96 -9.08 20.49
N TYR A 259 8.96 -9.03 19.17
CA TYR A 259 9.95 -9.72 18.35
C TYR A 259 11.39 -9.27 18.59
N SER A 260 11.55 -7.96 18.81
CA SER A 260 12.88 -7.37 18.96
C SER A 260 12.70 -6.08 19.76
N ASN A 261 13.49 -5.91 20.82
CA ASN A 261 13.52 -4.66 21.59
C ASN A 261 14.94 -4.16 21.67
N ARG A 262 15.19 -2.99 21.09
CA ARG A 262 16.51 -2.37 21.16
C ARG A 262 16.40 -1.04 21.90
N PHE A 263 17.33 -0.79 22.79
CA PHE A 263 17.43 0.48 23.52
C PHE A 263 18.74 1.09 23.13
N VAL A 264 18.65 2.12 22.29
CA VAL A 264 19.81 2.63 21.56
C VAL A 264 20.15 4.08 21.91
N ARG A 265 21.43 4.40 21.82
CA ARG A 265 21.90 5.75 22.09
C ARG A 265 22.52 6.34 20.83
N ASN A 266 22.15 7.57 20.48
CA ASN A 266 22.74 8.19 19.34
C ASN A 266 24.28 8.35 19.54
N ILE A 267 25.01 8.12 18.45
CA ILE A 267 26.44 8.34 18.41
C ILE A 267 26.77 9.15 17.16
N ASP A 268 27.96 9.76 17.10
CA ASP A 268 28.43 10.29 15.82
C ASP A 268 29.34 9.26 15.12
N LEU A 269 29.86 9.57 13.92
CA LEU A 269 30.64 8.58 13.16
C LEU A 269 32.02 8.35 13.76
N ASP A 270 32.40 9.12 14.78
CA ASP A 270 33.60 8.76 15.55
C ASP A 270 33.27 7.78 16.68
N GLY A 271 31.99 7.50 16.86
CA GLY A 271 31.47 6.66 17.95
C GLY A 271 31.32 7.36 19.31
N ASN A 272 31.34 8.70 19.34
CA ASN A 272 31.08 9.44 20.55
C ASN A 272 29.58 9.51 20.80
N PHE A 273 29.15 9.26 22.04
CA PHE A 273 27.73 9.30 22.34
C PHE A 273 27.19 10.74 22.38
N LEU A 274 25.95 10.90 21.95
CA LEU A 274 25.17 12.11 22.13
C LEU A 274 24.13 11.86 23.21
N ASP A 275 23.56 12.93 23.73
CA ASP A 275 22.56 12.84 24.80
C ASP A 275 21.17 12.72 24.19
N VAL A 276 20.99 11.66 23.41
CA VAL A 276 19.73 11.34 22.75
C VAL A 276 19.69 9.82 22.69
N SER A 277 18.53 9.25 22.99
CA SER A 277 18.30 7.82 22.91
C SER A 277 16.92 7.52 22.36
N TYR A 278 16.70 6.26 22.00
CA TYR A 278 15.35 5.77 21.78
C TYR A 278 15.25 4.26 21.82
N ASN A 279 14.01 3.81 22.00
CA ASN A 279 13.69 2.40 21.81
C ASN A 279 13.35 2.19 20.33
N ILE A 280 13.77 1.08 19.78
CA ILE A 280 13.26 0.54 18.48
C ILE A 280 12.64 -0.81 18.84
N GLY A 281 11.31 -0.87 18.78
CA GLY A 281 10.55 -2.08 19.20
C GLY A 281 9.73 -2.61 18.04
N HIS A 282 9.94 -3.88 17.68
CA HIS A 282 9.14 -4.61 16.71
C HIS A 282 8.19 -5.61 17.40
N TRP A 283 6.91 -5.43 17.15
CA TRP A 283 5.84 -6.20 17.83
C TRP A 283 4.94 -6.92 16.82
N ARG A 284 4.46 -8.09 17.19
CA ARG A 284 3.53 -8.84 16.37
C ARG A 284 2.30 -8.02 15.94
N SER A 285 1.80 -7.19 16.84
CA SER A 285 0.66 -6.32 16.52
C SER A 285 0.66 -5.11 17.44
N LEU A 286 -0.13 -4.12 17.05
CA LEU A 286 -0.32 -2.96 17.92
C LEU A 286 -0.99 -3.36 19.24
N GLU A 287 -1.89 -4.32 19.18
CA GLU A 287 -2.57 -4.75 20.39
C GLU A 287 -1.60 -5.32 21.42
N LYS A 288 -0.59 -6.08 20.97
CA LYS A 288 0.40 -6.59 21.91
C LYS A 288 1.15 -5.48 22.64
N LEU A 289 1.54 -4.47 21.88
CA LEU A 289 2.21 -3.29 22.43
C LEU A 289 1.33 -2.56 23.40
N GLU A 290 0.07 -2.39 23.04
CA GLU A 290 -0.91 -1.75 23.93
C GLU A 290 -0.98 -2.41 25.28
N ARG A 291 -1.05 -3.74 25.27
CA ARG A 291 -1.17 -4.49 26.49
C ARG A 291 0.03 -4.22 27.40
N TRP A 292 1.23 -4.18 26.82
CA TRP A 292 2.42 -4.05 27.66
C TRP A 292 2.47 -2.63 28.27
N ALA A 293 2.27 -1.61 27.43
CA ALA A 293 2.41 -0.20 27.85
C ALA A 293 1.42 0.14 28.96
N GLU A 294 0.24 -0.48 28.91
CA GLU A 294 -0.84 -0.11 29.86
C GLU A 294 -0.80 -0.94 31.11
N SER A 295 0.10 -1.94 31.19
CA SER A 295 0.05 -2.83 32.36
C SER A 295 1.37 -3.08 33.04
N HIS A 296 2.50 -2.81 32.36
CA HIS A 296 3.79 -3.13 32.99
C HIS A 296 4.19 -2.03 33.98
N PRO A 297 4.72 -2.42 35.17
CA PRO A 297 5.02 -1.37 36.17
C PRO A 297 6.07 -0.36 35.75
N THR A 298 7.01 -0.78 34.88
CA THR A 298 8.04 0.12 34.40
C THR A 298 7.45 1.25 33.59
N HIS A 299 6.68 0.90 32.56
CA HIS A 299 6.06 1.95 31.75
C HIS A 299 5.05 2.74 32.58
N LEU A 300 4.27 2.08 33.41
CA LEU A 300 3.29 2.80 34.24
C LEU A 300 3.96 3.80 35.19
N ARG A 301 5.09 3.41 35.77
CA ARG A 301 5.85 4.35 36.61
C ARG A 301 6.34 5.64 35.88
N ILE A 302 6.83 5.51 34.64
CA ILE A 302 7.32 6.67 33.94
C ILE A 302 6.15 7.49 33.35
N PHE A 303 5.03 6.81 33.08
CA PHE A 303 3.82 7.47 32.58
C PHE A 303 3.37 8.45 33.65
N VAL A 304 3.37 7.99 34.90
CA VAL A 304 2.90 8.80 36.04
C VAL A 304 3.82 10.00 36.24
N THR A 305 5.14 9.76 36.16
CA THR A 305 6.10 10.82 36.27
C THR A 305 5.91 11.88 35.21
N PHE A 306 5.66 11.44 33.96
CA PHE A 306 5.36 12.37 32.90
C PHE A 306 4.14 13.25 33.17
N PHE A 307 3.06 12.65 33.64
CA PHE A 307 1.84 13.41 33.94
C PHE A 307 2.18 14.48 35.00
N ARG A 308 3.02 14.10 35.96
CA ARG A 308 3.41 14.97 37.05
C ARG A 308 4.28 16.16 36.59
N VAL A 309 5.25 15.89 35.69
CA VAL A 309 6.22 16.93 35.31
C VAL A 309 5.96 17.62 33.96
N ALA A 310 4.94 17.18 33.23
CA ALA A 310 4.71 17.64 31.86
C ALA A 310 4.63 19.18 31.74
N ALA A 311 3.98 19.82 32.73
CA ALA A 311 3.74 21.27 32.71
C ALA A 311 5.03 22.05 32.87
N GLY A 312 5.96 21.54 33.67
CA GLY A 312 7.22 22.21 33.88
C GLY A 312 8.21 22.09 32.74
N LEU A 313 8.04 21.07 31.89
CA LEU A 313 9.10 20.71 30.93
C LEU A 313 9.49 21.85 29.96
N LYS A 314 10.79 22.09 29.93
CA LYS A 314 11.35 23.17 29.17
C LYS A 314 12.20 22.67 28.04
N LYS A 315 13.16 21.82 28.35
CA LYS A 315 14.11 21.43 27.34
C LYS A 315 14.18 19.92 27.08
N LEU A 316 13.81 19.12 28.05
CA LEU A 316 13.75 17.71 27.86
C LEU A 316 12.71 17.36 26.77
N ARG A 317 13.07 16.54 25.80
CA ARG A 317 12.21 16.28 24.63
C ARG A 317 11.85 14.81 24.63
N LEU A 318 10.57 14.55 24.77
CA LEU A 318 10.06 13.19 24.79
C LEU A 318 9.00 13.02 23.71
N TYR A 319 9.02 11.90 23.01
CA TYR A 319 8.10 11.70 21.88
C TYR A 319 8.03 10.23 21.50
N HIS A 320 7.04 9.89 20.69
CA HIS A 320 7.12 8.64 19.97
C HIS A 320 6.52 8.68 18.59
N GLU A 321 6.84 7.65 17.82
CA GLU A 321 6.24 7.37 16.57
C GLU A 321 5.94 5.87 16.58
N VAL A 322 4.75 5.49 16.10
CA VAL A 322 4.42 4.10 15.98
C VAL A 322 3.80 3.89 14.62
N SER A 323 4.15 2.78 13.99
CA SER A 323 3.60 2.48 12.67
C SER A 323 3.26 1.02 12.57
N VAL A 324 2.42 0.70 11.58
CA VAL A 324 2.20 -0.66 11.15
C VAL A 324 2.46 -0.67 9.65
N SER A 325 2.75 -1.84 9.13
CA SER A 325 2.99 -1.96 7.68
C SER A 325 2.51 -3.30 7.15
N ASP A 326 2.32 -3.34 5.84
CA ASP A 326 1.91 -4.53 5.12
C ASP A 326 3.16 -5.38 4.91
N ALA A 327 2.98 -6.70 4.88
CA ALA A 327 4.04 -7.65 4.46
C ALA A 327 4.72 -7.24 3.16
N LYS A 328 3.94 -6.79 2.20
CA LYS A 328 4.47 -6.37 0.90
C LYS A 328 5.35 -5.12 0.95
N SER A 329 5.32 -4.41 2.08
CA SER A 329 6.14 -3.25 2.32
C SER A 329 7.21 -3.42 3.40
N GLN A 330 7.66 -4.65 3.64
CA GLN A 330 8.66 -4.94 4.66
C GLN A 330 9.81 -5.68 4.02
N VAL A 331 11.03 -5.33 4.47
CA VAL A 331 12.25 -6.07 4.18
C VAL A 331 12.95 -6.40 5.47
N PHE A 332 13.36 -7.68 5.63
CA PHE A 332 14.13 -8.09 6.81
C PHE A 332 15.24 -9.03 6.30
N GLU A 333 16.46 -8.53 6.24
CA GLU A 333 17.55 -9.24 5.65
C GLU A 333 18.78 -9.14 6.54
N TYR A 334 19.53 -10.25 6.63
CA TYR A 334 20.64 -10.38 7.57
C TYR A 334 21.80 -11.09 6.88
N ILE A 335 23.03 -10.60 7.10
CA ILE A 335 24.22 -11.23 6.59
C ILE A 335 25.15 -11.48 7.76
N ASN A 336 25.46 -12.75 8.04
CA ASN A 336 26.38 -13.10 9.14
C ASN A 336 26.06 -12.43 10.48
N CYS A 337 24.76 -12.39 10.84
CA CYS A 337 24.32 -11.92 12.12
C CYS A 337 24.09 -13.10 13.03
N HIS A 338 24.15 -12.86 14.33
CA HIS A 338 23.85 -13.97 15.24
C HIS A 338 22.39 -14.30 15.27
N PRO A 339 22.04 -15.51 15.71
CA PRO A 339 20.67 -15.98 15.52
C PRO A 339 19.60 -15.26 16.33
N HIS A 340 19.96 -14.42 17.30
CA HIS A 340 18.97 -13.64 18.06
C HIS A 340 18.79 -12.20 17.52
N THR A 341 19.41 -11.88 16.39
CA THR A 341 19.37 -10.52 15.87
C THR A 341 18.02 -10.21 15.26
N GLY A 342 17.37 -9.16 15.76
CA GLY A 342 16.18 -8.67 15.12
C GLY A 342 15.15 -9.77 14.89
N MET A 343 14.65 -9.84 13.64
CA MET A 343 13.57 -10.76 13.31
C MET A 343 14.08 -12.19 13.06
N LEU A 344 15.39 -12.45 13.12
CA LEU A 344 15.89 -13.81 13.16
C LEU A 344 15.42 -14.68 14.32
N ARG A 345 15.21 -14.07 15.49
CA ARG A 345 14.96 -14.81 16.70
C ARG A 345 13.66 -15.53 16.62
N ASP A 346 12.59 -14.83 16.18
CA ASP A 346 11.25 -15.40 16.25
C ASP A 346 10.73 -15.93 14.91
N ALA A 347 11.53 -15.78 13.84
CA ALA A 347 11.10 -16.24 12.53
C ALA A 347 10.81 -17.74 12.59
N VAL A 348 9.74 -18.13 11.91
CA VAL A 348 9.34 -19.51 11.88
C VAL A 348 9.95 -20.18 10.68
N VAL A 349 10.52 -21.36 10.92
CA VAL A 349 11.11 -22.15 9.86
C VAL A 349 10.11 -22.84 8.97
N ALA A 350 9.17 -23.58 9.48
CA ALA A 350 8.28 -24.21 8.53
C ALA A 350 6.84 -24.08 9.00
N PRO A 351 6.22 -22.90 8.80
CA PRO A 351 4.90 -22.69 9.38
C PRO A 351 3.82 -23.58 8.72
N MET B 1 12.45 -16.42 -23.93
CA MET B 1 11.42 -16.56 -22.87
C MET B 1 11.85 -15.78 -21.66
N GLU B 2 10.89 -15.11 -21.07
CA GLU B 2 11.04 -14.25 -19.89
C GLU B 2 9.93 -14.66 -18.90
N SER B 3 10.14 -14.46 -17.60
CA SER B 3 9.00 -14.46 -16.65
C SER B 3 8.16 -13.21 -16.81
N ALA B 4 6.85 -13.35 -16.60
CA ALA B 4 5.97 -12.20 -16.53
C ALA B 4 6.33 -11.26 -15.36
N ILE B 5 6.93 -11.81 -14.31
CA ILE B 5 7.20 -11.02 -13.10
C ILE B 5 8.48 -10.26 -13.36
N ASP B 6 8.41 -8.94 -13.26
CA ASP B 6 9.62 -8.15 -13.53
C ASP B 6 10.71 -8.44 -12.47
N THR B 7 11.96 -8.28 -12.89
CA THR B 7 13.11 -8.74 -12.10
C THR B 7 13.12 -8.14 -10.69
N HIS B 8 12.76 -6.85 -10.54
CA HIS B 8 12.76 -6.21 -9.23
C HIS B 8 11.63 -6.66 -8.33
N LEU B 9 10.65 -7.38 -8.90
CA LEU B 9 9.53 -7.85 -8.12
C LEU B 9 9.56 -9.37 -7.83
N LYS B 10 10.64 -10.05 -8.23
CA LYS B 10 10.79 -11.50 -7.94
C LYS B 10 11.13 -11.64 -6.46
N CYS B 11 10.52 -12.64 -5.81
CA CYS B 11 10.66 -12.88 -4.38
C CYS B 11 10.82 -14.38 -4.18
N PRO B 12 11.47 -14.80 -3.11
CA PRO B 12 11.39 -16.22 -2.72
C PRO B 12 9.93 -16.65 -2.55
N ARG B 13 9.50 -17.68 -3.26
CA ARG B 13 8.10 -18.06 -3.26
C ARG B 13 7.75 -18.84 -2.03
N THR B 14 6.59 -18.60 -1.46
CA THR B 14 6.05 -19.49 -0.47
C THR B 14 4.79 -20.17 -0.99
N LEU B 15 4.32 -19.78 -2.20
CA LEU B 15 3.27 -20.45 -2.92
C LEU B 15 3.83 -20.83 -4.30
N SER B 16 3.49 -22.01 -4.77
CA SER B 16 4.04 -22.46 -6.03
C SER B 16 3.18 -22.06 -7.24
N ARG B 17 3.86 -21.78 -8.34
CA ARG B 17 3.27 -21.54 -9.65
C ARG B 17 2.45 -22.75 -9.99
N ARG B 18 1.51 -22.65 -10.90
CA ARG B 18 0.74 -23.81 -11.20
C ARG B 18 1.51 -24.82 -12.05
N VAL B 19 2.42 -24.35 -12.86
CA VAL B 19 3.11 -25.21 -13.83
C VAL B 19 4.55 -25.24 -13.41
N PRO B 20 5.25 -26.30 -13.76
CA PRO B 20 6.65 -26.39 -13.42
C PRO B 20 7.54 -25.48 -14.26
N GLU B 21 8.78 -25.39 -13.84
CA GLU B 21 9.77 -24.53 -14.45
C GLU B 21 9.98 -24.81 -15.93
N GLU B 22 9.72 -26.03 -16.34
CA GLU B 22 9.94 -26.43 -17.70
C GLU B 22 8.84 -25.99 -18.66
N TYR B 23 7.74 -25.51 -18.13
CA TYR B 23 6.57 -25.18 -18.96
C TYR B 23 6.92 -24.17 -20.06
N GLN B 24 6.47 -24.44 -21.27
CA GLN B 24 6.58 -23.47 -22.36
C GLN B 24 5.16 -23.19 -22.87
N PRO B 25 4.84 -21.93 -23.14
CA PRO B 25 3.48 -21.61 -23.55
C PRO B 25 3.23 -21.97 -25.02
N PRO B 26 1.96 -22.08 -25.42
CA PRO B 26 1.51 -22.55 -26.74
C PRO B 26 1.72 -21.55 -27.91
N PHE B 27 1.78 -20.27 -27.60
CA PHE B 27 1.88 -19.18 -28.58
C PHE B 27 2.41 -17.93 -27.87
N PRO B 28 2.93 -16.96 -28.62
CA PRO B 28 3.48 -15.80 -27.95
C PRO B 28 2.42 -14.86 -27.39
N MET B 29 2.71 -14.33 -26.20
CA MET B 29 1.96 -13.22 -25.60
C MET B 29 2.96 -12.37 -24.81
N TRP B 30 2.54 -11.14 -24.52
CA TRP B 30 3.40 -10.12 -23.93
C TRP B 30 2.71 -9.44 -22.76
N VAL B 31 3.52 -8.83 -21.92
CA VAL B 31 3.06 -8.05 -20.80
C VAL B 31 3.72 -6.62 -20.78
N ALA B 32 3.12 -5.73 -20.01
CA ALA B 32 3.69 -4.40 -19.79
C ALA B 32 4.77 -4.49 -18.71
N ARG B 33 5.85 -3.74 -18.91
CA ARG B 33 6.94 -3.63 -17.98
C ARG B 33 7.05 -2.22 -17.41
N ALA B 34 7.46 -2.10 -16.15
CA ALA B 34 7.86 -0.81 -15.58
C ALA B 34 8.98 -1.06 -14.57
N ASP B 35 9.89 -0.09 -14.43
CA ASP B 35 10.98 -0.28 -13.46
C ASP B 35 10.51 0.01 -12.02
N GLU B 36 11.46 0.03 -11.09
CA GLU B 36 11.19 0.19 -9.65
C GLU B 36 10.55 1.53 -9.27
N GLN B 37 10.56 2.51 -10.19
CA GLN B 37 9.90 3.78 -9.93
C GLN B 37 8.40 3.67 -9.94
N LEU B 38 7.84 2.71 -10.67
CA LEU B 38 6.41 2.49 -10.69
C LEU B 38 6.07 1.68 -9.45
N GLN B 39 5.54 2.36 -8.43
CA GLN B 39 5.14 1.83 -7.15
C GLN B 39 3.68 1.40 -7.10
N GLN B 40 2.82 2.26 -7.64
CA GLN B 40 1.40 2.07 -7.49
C GLN B 40 0.78 2.87 -8.62
N VAL B 41 -0.29 2.34 -9.22
CA VAL B 41 -1.04 3.09 -10.20
C VAL B 41 -2.40 3.43 -9.56
N VAL B 42 -3.04 4.44 -10.09
CA VAL B 42 -4.41 4.72 -9.76
C VAL B 42 -5.26 4.58 -11.01
N MET B 43 -6.34 3.81 -10.88
CA MET B 43 -7.33 3.62 -11.93
C MET B 43 -8.63 4.25 -11.45
N GLY B 44 -9.03 5.36 -12.06
CA GLY B 44 -10.20 6.06 -11.62
C GLY B 44 -11.28 6.08 -12.67
N TYR B 45 -12.41 5.41 -12.39
CA TYR B 45 -13.59 5.38 -13.23
C TYR B 45 -14.58 6.41 -12.71
N LEU B 46 -14.89 7.40 -13.55
CA LEU B 46 -15.79 8.47 -13.20
C LEU B 46 -16.98 8.40 -14.16
N GLY B 47 -18.16 8.29 -13.59
CA GLY B 47 -19.38 8.10 -14.37
C GLY B 47 -20.47 9.14 -14.23
N VAL B 48 -21.28 9.18 -15.28
CA VAL B 48 -22.47 10.00 -15.38
C VAL B 48 -23.57 9.06 -15.87
N GLN B 49 -24.65 8.95 -15.12
CA GLN B 49 -25.74 8.06 -15.38
C GLN B 49 -26.99 8.87 -15.71
N TYR B 50 -27.78 8.42 -16.67
CA TYR B 50 -28.99 9.12 -17.04
C TYR B 50 -30.02 8.18 -17.60
N ARG B 51 -31.26 8.61 -17.60
CA ARG B 51 -32.28 7.79 -18.16
C ARG B 51 -33.01 8.55 -19.21
N GLY B 52 -33.02 8.00 -20.41
CA GLY B 52 -33.82 8.52 -21.48
C GLY B 52 -33.17 9.55 -22.35
N GLU B 53 -33.75 9.73 -23.53
CA GLU B 53 -33.36 10.74 -24.47
C GLU B 53 -33.40 12.16 -23.89
N ALA B 54 -34.32 12.43 -22.96
CA ALA B 54 -34.45 13.79 -22.40
C ALA B 54 -33.24 14.28 -21.61
N GLN B 55 -32.42 13.35 -21.11
CA GLN B 55 -31.26 13.71 -20.26
C GLN B 55 -29.94 13.55 -21.04
N ARG B 56 -30.01 13.00 -22.25
CA ARG B 56 -28.81 12.71 -23.03
C ARG B 56 -27.84 13.89 -23.20
N GLU B 57 -28.33 15.04 -23.63
CA GLU B 57 -27.45 16.17 -23.91
C GLU B 57 -26.86 16.70 -22.58
N ALA B 58 -27.66 16.73 -21.52
CA ALA B 58 -27.17 17.18 -20.22
C ALA B 58 -26.07 16.25 -19.72
N ALA B 59 -26.25 14.96 -19.97
CA ALA B 59 -25.25 13.96 -19.52
C ALA B 59 -23.94 14.12 -20.27
N LEU B 60 -24.03 14.30 -21.60
CA LEU B 60 -22.81 14.49 -22.40
C LEU B 60 -22.07 15.75 -21.94
N GLN B 61 -22.80 16.78 -21.58
CA GLN B 61 -22.15 18.03 -21.14
C GLN B 61 -21.50 17.85 -19.74
N ALA B 62 -22.20 17.16 -18.83
CA ALA B 62 -21.61 16.83 -17.53
C ALA B 62 -20.30 16.06 -17.77
N MET B 63 -20.31 15.12 -18.73
CA MET B 63 -19.09 14.35 -18.95
C MET B 63 -18.00 15.22 -19.58
N ARG B 64 -18.38 16.16 -20.43
CA ARG B 64 -17.41 17.11 -20.95
C ARG B 64 -16.73 17.90 -19.82
N HIS B 65 -17.53 18.29 -18.82
CA HIS B 65 -16.97 18.95 -17.66
C HIS B 65 -15.94 18.04 -16.98
N ILE B 66 -16.33 16.82 -16.67
CA ILE B 66 -15.43 15.84 -16.03
C ILE B 66 -14.16 15.61 -16.85
N VAL B 67 -14.29 15.38 -18.15
CA VAL B 67 -13.12 15.14 -18.99
C VAL B 67 -12.21 16.38 -19.02
N SER B 68 -12.80 17.56 -19.06
CA SER B 68 -12.00 18.78 -19.06
C SER B 68 -11.20 18.91 -17.76
N SER B 69 -11.72 18.36 -16.66
CA SER B 69 -11.02 18.37 -15.33
C SER B 69 -9.73 17.55 -15.35
N PHE B 70 -9.59 16.65 -16.30
CA PHE B 70 -8.40 15.82 -16.40
C PHE B 70 -7.23 16.60 -16.96
N SER B 71 -7.48 17.80 -17.50
CA SER B 71 -6.44 18.68 -18.01
C SER B 71 -5.88 19.59 -16.91
N LEU B 72 -6.52 19.57 -15.74
CA LEU B 72 -6.06 20.34 -14.59
C LEU B 72 -4.72 19.82 -14.09
N PRO B 73 -4.04 20.58 -13.25
CA PRO B 73 -2.77 20.11 -12.76
C PRO B 73 -2.92 18.78 -12.03
N ASP B 74 -1.95 17.89 -12.22
CA ASP B 74 -1.98 16.52 -11.65
C ASP B 74 -3.12 15.63 -12.14
N GLY B 75 -3.70 15.98 -13.29
CA GLY B 75 -4.62 15.09 -13.97
C GLY B 75 -3.96 13.78 -14.37
N PRO B 76 -4.76 12.80 -14.81
CA PRO B 76 -4.27 11.51 -15.24
C PRO B 76 -3.38 11.59 -16.47
N GLN B 77 -2.45 10.67 -16.57
CA GLN B 77 -1.56 10.56 -17.71
C GLN B 77 -2.33 10.20 -18.98
N THR B 78 -3.35 9.34 -18.82
CA THR B 78 -4.09 8.82 -19.94
C THR B 78 -5.57 8.71 -19.54
N HIS B 79 -6.47 8.73 -20.51
CA HIS B 79 -7.90 8.45 -20.24
C HIS B 79 -8.64 8.01 -21.47
N ASP B 80 -9.79 7.37 -21.27
CA ASP B 80 -10.71 6.99 -22.36
C ASP B 80 -12.13 6.96 -21.89
N LEU B 81 -13.05 7.21 -22.82
CA LEU B 81 -14.48 7.45 -22.49
C LEU B 81 -15.36 6.38 -23.13
N THR B 82 -16.29 5.82 -22.36
CA THR B 82 -17.14 4.76 -22.88
C THR B 82 -18.63 4.99 -22.54
N HIS B 83 -19.48 4.25 -23.22
CA HIS B 83 -20.92 4.21 -22.98
C HIS B 83 -21.38 2.78 -22.81
N HIS B 84 -22.34 2.59 -21.91
CA HIS B 84 -23.15 1.36 -21.91
C HIS B 84 -24.55 1.62 -21.36
N THR B 85 -25.50 0.80 -21.78
CA THR B 85 -26.85 0.81 -21.20
C THR B 85 -26.94 -0.37 -20.23
N ASP B 86 -27.32 -0.12 -18.98
CA ASP B 86 -27.33 -1.16 -17.97
C ASP B 86 -28.65 -1.94 -17.99
N SER B 87 -28.73 -2.98 -17.16
CA SER B 87 -29.90 -3.83 -17.14
C SER B 87 -31.14 -3.13 -16.59
N SER B 88 -30.95 -1.98 -15.93
CA SER B 88 -32.06 -1.20 -15.41
C SER B 88 -32.59 -0.19 -16.42
N GLY B 89 -31.99 -0.17 -17.60
CA GLY B 89 -32.38 0.71 -18.68
C GLY B 89 -31.75 2.10 -18.62
N PHE B 90 -30.78 2.30 -17.73
CA PHE B 90 -30.10 3.58 -17.63
C PHE B 90 -28.88 3.58 -18.50
N ASP B 91 -28.58 4.73 -19.07
CA ASP B 91 -27.35 4.94 -19.82
C ASP B 91 -26.23 5.46 -18.92
N ASN B 92 -24.99 5.07 -19.20
CA ASN B 92 -23.86 5.35 -18.32
C ASN B 92 -22.71 5.74 -19.18
N LEU B 93 -22.24 6.96 -18.96
CA LEU B 93 -21.01 7.40 -19.55
C LEU B 93 -19.91 7.25 -18.52
N MET B 94 -18.80 6.66 -18.91
CA MET B 94 -17.69 6.47 -17.98
C MET B 94 -16.38 6.85 -18.59
N VAL B 95 -15.65 7.71 -17.88
CA VAL B 95 -14.28 8.01 -18.27
C VAL B 95 -13.35 7.34 -17.27
N VAL B 96 -12.32 6.70 -17.80
CA VAL B 96 -11.27 6.12 -16.92
C VAL B 96 -10.02 6.95 -17.08
N GLY B 97 -9.42 7.29 -15.93
CA GLY B 97 -8.15 7.96 -15.88
C GLY B 97 -7.13 7.06 -15.22
N TYR B 98 -5.92 7.02 -15.76
CA TYR B 98 -4.80 6.25 -15.18
C TYR B 98 -3.73 7.23 -14.70
N TRP B 99 -3.30 7.10 -13.43
CA TRP B 99 -2.18 7.81 -12.92
C TRP B 99 -1.05 6.86 -12.64
N LYS B 100 0.19 7.27 -12.87
CA LYS B 100 1.34 6.44 -12.47
C LYS B 100 1.94 6.86 -11.13
N ASP B 101 1.36 7.89 -10.53
CA ASP B 101 1.80 8.40 -9.23
C ASP B 101 0.60 8.74 -8.35
N PRO B 102 0.46 8.03 -7.25
CA PRO B 102 -0.70 8.28 -6.39
C PRO B 102 -0.71 9.64 -5.69
N ALA B 103 0.46 10.21 -5.36
CA ALA B 103 0.49 11.56 -4.80
C ALA B 103 -0.14 12.55 -5.80
N ALA B 104 0.20 12.43 -7.09
CA ALA B 104 -0.41 13.31 -8.11
C ALA B 104 -1.92 13.10 -8.11
N HIS B 105 -2.36 11.84 -8.13
CA HIS B 105 -3.79 11.58 -8.09
C HIS B 105 -4.47 12.28 -6.92
N CYS B 106 -3.89 12.14 -5.74
CA CYS B 106 -4.47 12.73 -4.55
C CYS B 106 -4.41 14.26 -4.58
N ARG B 107 -3.35 14.84 -5.14
CA ARG B 107 -3.35 16.31 -5.28
C ARG B 107 -4.52 16.73 -6.17
N TRP B 108 -4.78 16.03 -7.25
CA TRP B 108 -5.84 16.37 -8.14
C TRP B 108 -7.17 16.19 -7.43
N LEU B 109 -7.36 15.05 -6.75
CA LEU B 109 -8.62 14.71 -6.14
C LEU B 109 -9.05 15.70 -5.09
N ARG B 110 -8.07 16.18 -4.31
CA ARG B 110 -8.32 17.10 -3.22
C ARG B 110 -8.31 18.57 -3.67
N SER B 111 -7.97 18.85 -4.93
CA SER B 111 -7.90 20.21 -5.42
C SER B 111 -9.27 20.87 -5.29
N ALA B 112 -9.28 22.19 -5.10
CA ALA B 112 -10.58 22.89 -4.92
C ALA B 112 -11.46 22.67 -6.14
N GLU B 113 -10.87 22.73 -7.34
CA GLU B 113 -11.67 22.67 -8.56
C GLU B 113 -12.40 21.32 -8.67
N VAL B 114 -11.71 20.24 -8.35
CA VAL B 114 -12.28 18.92 -8.42
C VAL B 114 -13.22 18.65 -7.24
N ASN B 115 -12.71 18.84 -6.03
CA ASN B 115 -13.44 18.43 -4.87
C ASN B 115 -14.66 19.33 -4.58
N ASP B 116 -14.60 20.60 -4.95
CA ASP B 116 -15.75 21.50 -4.73
C ASP B 116 -16.89 21.07 -5.64
N TRP B 117 -16.57 20.72 -6.88
CA TRP B 117 -17.58 20.22 -7.83
C TRP B 117 -18.22 18.92 -7.32
N TRP B 118 -17.40 17.95 -6.92
CA TRP B 118 -17.91 16.68 -6.43
C TRP B 118 -18.78 16.77 -5.17
N THR B 119 -18.38 17.63 -4.23
CA THR B 119 -19.06 17.74 -2.93
C THR B 119 -20.16 18.80 -2.88
N SER B 120 -20.38 19.51 -3.97
CA SER B 120 -21.42 20.56 -3.99
C SER B 120 -22.83 20.00 -3.83
N GLN B 121 -23.67 20.73 -3.11
CA GLN B 121 -25.09 20.37 -3.00
C GLN B 121 -25.75 20.49 -4.38
N ASP B 122 -25.20 21.31 -5.26
CA ASP B 122 -25.71 21.42 -6.63
C ASP B 122 -25.80 20.09 -7.37
N ARG B 123 -24.92 19.13 -7.03
CA ARG B 123 -24.91 17.83 -7.74
C ARG B 123 -26.20 17.05 -7.57
N LEU B 124 -26.89 17.31 -6.46
CA LEU B 124 -28.06 16.56 -6.08
C LEU B 124 -29.30 16.97 -6.85
N GLY B 125 -29.27 18.14 -7.49
CA GLY B 125 -30.44 18.71 -8.15
C GLY B 125 -30.42 18.68 -9.67
N GLU B 126 -29.46 17.95 -10.26
CA GLU B 126 -29.21 18.05 -11.69
C GLU B 126 -29.87 16.97 -12.54
N GLY B 127 -30.60 16.04 -11.93
CA GLY B 127 -31.33 15.04 -12.70
C GLY B 127 -30.42 13.99 -13.34
N LEU B 128 -29.20 13.89 -12.86
CA LEU B 128 -28.21 12.93 -13.37
C LEU B 128 -27.64 12.20 -12.18
N GLY B 129 -27.11 11.00 -12.43
CA GLY B 129 -26.31 10.26 -11.46
C GLY B 129 -24.85 10.53 -11.73
N TYR B 130 -24.05 10.59 -10.66
CA TYR B 130 -22.59 10.68 -10.81
C TYR B 130 -21.96 9.64 -9.90
N PHE B 131 -20.85 9.06 -10.34
CA PHE B 131 -20.16 8.09 -9.51
C PHE B 131 -18.66 8.08 -9.74
N ARG B 132 -17.95 7.63 -8.71
CA ARG B 132 -16.51 7.45 -8.75
C ARG B 132 -16.18 6.07 -8.20
N GLU B 133 -15.40 5.30 -8.95
CA GLU B 133 -14.93 3.98 -8.53
C GLU B 133 -13.43 3.98 -8.79
N ILE B 134 -12.63 4.15 -7.73
CA ILE B 134 -11.21 4.40 -7.88
C ILE B 134 -10.47 3.31 -7.10
N SER B 135 -9.39 2.78 -7.67
CA SER B 135 -8.56 1.83 -6.93
C SER B 135 -7.12 2.11 -7.23
N ALA B 136 -6.23 1.72 -6.32
CA ALA B 136 -4.82 1.99 -6.51
C ALA B 136 -3.99 0.73 -6.17
N PRO B 137 -3.95 -0.22 -7.11
CA PRO B 137 -3.08 -1.38 -6.94
C PRO B 137 -1.60 -1.01 -6.92
N ARG B 138 -0.84 -1.63 -6.02
CA ARG B 138 0.58 -1.57 -6.15
C ARG B 138 1.05 -2.35 -7.37
N ALA B 139 2.30 -2.16 -7.74
CA ALA B 139 2.92 -2.88 -8.87
C ALA B 139 2.82 -4.39 -8.69
N GLU B 140 2.89 -4.82 -7.43
CA GLU B 140 2.76 -6.27 -7.07
C GLU B 140 1.36 -6.85 -7.28
N GLN B 141 0.35 -5.98 -7.38
CA GLN B 141 -1.06 -6.31 -7.35
C GLN B 141 -1.76 -6.15 -8.69
N PHE B 142 -1.04 -6.19 -9.81
CA PHE B 142 -1.73 -6.27 -11.11
C PHE B 142 -0.89 -6.99 -12.13
N GLU B 143 -1.59 -7.42 -13.17
CA GLU B 143 -1.00 -8.13 -14.28
C GLU B 143 -1.68 -7.66 -15.56
N THR B 144 -0.93 -7.71 -16.66
CA THR B 144 -1.42 -7.42 -17.98
C THR B 144 -1.04 -8.56 -18.90
N LEU B 145 -1.86 -8.74 -19.93
CA LEU B 145 -1.56 -9.72 -20.97
C LEU B 145 -2.08 -9.16 -22.32
N TYR B 146 -1.17 -9.06 -23.27
CA TYR B 146 -1.48 -8.53 -24.59
C TYR B 146 -1.19 -9.55 -25.68
N ALA B 147 -2.10 -9.67 -26.65
CA ALA B 147 -1.83 -10.39 -27.89
C ALA B 147 -1.11 -9.54 -28.96
N PHE B 148 -0.37 -8.52 -28.53
CA PHE B 148 0.35 -7.62 -29.47
C PHE B 148 1.37 -6.87 -28.63
N GLN B 149 2.24 -6.11 -29.28
CA GLN B 149 3.40 -5.53 -28.62
C GLN B 149 3.43 -4.00 -28.55
N ASP B 150 2.65 -3.35 -29.41
CA ASP B 150 2.74 -1.89 -29.62
C ASP B 150 1.51 -1.18 -29.12
N ASN B 151 1.69 0.06 -28.68
CA ASN B 151 0.58 0.96 -28.33
C ASN B 151 -0.34 0.34 -27.32
N LEU B 152 0.23 -0.07 -26.19
CA LEU B 152 -0.54 -0.74 -25.13
C LEU B 152 -1.64 0.15 -24.61
N PRO B 153 -2.87 -0.37 -24.55
CA PRO B 153 -4.00 0.36 -24.00
C PRO B 153 -4.14 0.17 -22.48
N GLY B 154 -5.09 0.89 -21.91
CA GLY B 154 -5.37 0.80 -20.49
C GLY B 154 -4.15 1.12 -19.66
N VAL B 155 -3.93 0.35 -18.59
CA VAL B 155 -2.81 0.63 -17.68
C VAL B 155 -1.46 0.53 -18.35
N GLY B 156 -1.39 -0.31 -19.39
CA GLY B 156 -0.15 -0.44 -20.15
C GLY B 156 0.38 0.87 -20.70
N ALA B 157 -0.54 1.79 -21.01
CA ALA B 157 -0.15 3.09 -21.57
C ALA B 157 0.72 3.91 -20.59
N VAL B 158 0.61 3.65 -19.29
CA VAL B 158 1.37 4.43 -18.29
C VAL B 158 2.59 3.69 -17.79
N MET B 159 2.82 2.51 -18.34
CA MET B 159 4.03 1.78 -18.00
C MET B 159 5.15 2.08 -18.96
N ASP B 160 6.29 1.40 -18.85
CA ASP B 160 7.51 1.90 -19.50
C ASP B 160 7.72 1.25 -20.89
N SER B 161 7.40 -0.03 -21.02
CA SER B 161 7.69 -0.77 -22.24
C SER B 161 6.92 -2.07 -22.30
N THR B 162 7.10 -2.79 -23.41
CA THR B 162 6.58 -4.14 -23.59
C THR B 162 7.65 -5.19 -23.36
N SER B 163 7.26 -6.30 -22.73
CA SER B 163 8.18 -7.40 -22.45
C SER B 163 8.50 -8.15 -23.74
N GLY B 164 9.46 -9.06 -23.68
CA GLY B 164 9.56 -10.16 -24.64
C GLY B 164 8.45 -11.17 -24.36
N GLU B 165 8.42 -12.27 -25.13
CA GLU B 165 7.43 -13.32 -24.94
C GLU B 165 7.55 -13.86 -23.54
N ILE B 166 6.43 -14.08 -22.85
CA ILE B 166 6.43 -14.47 -21.45
C ILE B 166 6.02 -15.92 -21.26
N GLU B 167 6.51 -16.54 -20.20
CA GLU B 167 6.20 -17.97 -19.89
C GLU B 167 4.83 -18.20 -19.33
N GLU B 168 4.41 -17.34 -18.40
CA GLU B 168 3.21 -17.62 -17.62
C GLU B 168 1.94 -17.25 -18.29
N HIS B 169 1.58 -17.99 -19.34
CA HIS B 169 0.25 -17.86 -19.89
C HIS B 169 -0.07 -19.16 -20.60
N GLY B 170 -1.35 -19.33 -20.96
CA GLY B 170 -1.76 -20.47 -21.77
C GLY B 170 -2.37 -21.56 -20.91
N TYR B 171 -2.55 -21.31 -19.61
CA TYR B 171 -3.13 -22.34 -18.71
C TYR B 171 -3.97 -21.64 -17.66
N TRP B 172 -4.98 -22.33 -17.14
CA TRP B 172 -5.83 -21.74 -16.09
C TRP B 172 -5.02 -21.66 -14.83
N GLY B 173 -5.00 -20.47 -14.24
CA GLY B 173 -4.06 -20.17 -13.17
C GLY B 173 -2.92 -19.24 -13.55
N SER B 174 -2.72 -19.05 -14.85
CA SER B 174 -1.66 -18.21 -15.33
C SER B 174 -1.85 -16.74 -14.99
N MET B 175 -3.09 -16.24 -15.04
CA MET B 175 -3.36 -14.89 -14.61
C MET B 175 -2.82 -14.67 -13.20
N ARG B 176 -3.17 -15.60 -12.31
CA ARG B 176 -2.74 -15.49 -10.95
C ARG B 176 -1.21 -15.48 -10.86
N ASP B 177 -0.55 -16.35 -11.62
CA ASP B 177 0.89 -16.48 -11.60
C ASP B 177 1.56 -15.24 -12.14
N ARG B 178 0.84 -14.42 -12.91
CA ARG B 178 1.43 -13.18 -13.45
C ARG B 178 1.44 -12.02 -12.43
N PHE B 179 0.64 -12.14 -11.36
CA PHE B 179 0.64 -11.16 -10.28
C PHE B 179 1.89 -11.41 -9.46
N PRO B 180 2.78 -10.38 -9.32
CA PRO B 180 3.94 -10.65 -8.45
C PRO B 180 3.56 -11.08 -7.03
N ILE B 181 2.44 -10.60 -6.50
CA ILE B 181 2.11 -10.84 -5.09
C ILE B 181 1.69 -12.30 -4.89
N SER B 182 1.38 -13.01 -5.98
CA SER B 182 1.01 -14.45 -5.90
C SER B 182 2.19 -15.33 -5.48
N GLN B 183 3.40 -14.79 -5.49
CA GLN B 183 4.57 -15.53 -5.02
C GLN B 183 4.46 -15.91 -3.55
N THR B 184 3.69 -15.12 -2.80
CA THR B 184 3.59 -15.29 -1.35
C THR B 184 2.16 -15.14 -0.74
N ASP B 185 1.17 -14.69 -1.51
CA ASP B 185 -0.12 -14.26 -0.97
C ASP B 185 -1.25 -14.84 -1.80
N TRP B 186 -2.18 -15.45 -1.10
CA TRP B 186 -3.37 -16.04 -1.74
C TRP B 186 -4.38 -15.00 -2.27
N MET B 187 -4.20 -13.71 -1.91
CA MET B 187 -5.11 -12.67 -2.37
C MET B 187 -6.58 -13.01 -1.97
N LYS B 188 -6.75 -13.46 -0.74
CA LYS B 188 -8.09 -13.78 -0.25
C LYS B 188 -8.90 -12.50 0.08
N PRO B 189 -10.19 -12.54 -0.20
CA PRO B 189 -11.06 -11.43 0.23
C PRO B 189 -11.26 -11.49 1.73
N THR B 190 -11.33 -10.34 2.40
CA THR B 190 -11.82 -10.30 3.77
C THR B 190 -12.92 -9.25 3.84
N ASN B 191 -13.84 -9.45 4.75
CA ASN B 191 -14.90 -8.49 4.98
C ASN B 191 -15.82 -8.36 3.78
N GLU B 192 -16.57 -7.31 3.73
CA GLU B 192 -17.55 -7.17 2.69
C GLU B 192 -17.68 -5.72 2.26
N LEU B 193 -18.21 -5.49 1.07
CA LEU B 193 -18.65 -4.15 0.70
C LEU B 193 -19.63 -3.68 1.75
N GLN B 194 -19.47 -2.45 2.24
CA GLN B 194 -20.29 -1.97 3.37
C GLN B 194 -20.75 -0.56 3.09
N VAL B 195 -22.06 -0.29 3.25
CA VAL B 195 -22.59 1.06 3.19
C VAL B 195 -22.09 1.80 4.45
N VAL B 196 -21.35 2.88 4.23
CA VAL B 196 -20.86 3.71 5.30
C VAL B 196 -21.33 5.17 5.35
N ALA B 197 -22.06 5.62 4.33
CA ALA B 197 -22.75 6.91 4.33
C ALA B 197 -23.89 6.81 3.34
N GLY B 198 -25.03 7.35 3.71
CA GLY B 198 -26.19 7.34 2.82
C GLY B 198 -26.87 6.00 2.73
N ASP B 199 -27.78 5.88 1.75
CA ASP B 199 -28.61 4.69 1.63
C ASP B 199 -28.76 4.38 0.15
N PRO B 200 -28.23 3.23 -0.32
CA PRO B 200 -28.31 2.89 -1.76
C PRO B 200 -29.72 2.93 -2.33
N ALA B 201 -30.72 2.63 -1.50
CA ALA B 201 -32.10 2.53 -1.93
C ALA B 201 -32.72 3.89 -2.25
N LYS B 202 -32.13 4.97 -1.73
CA LYS B 202 -32.80 6.25 -1.62
C LYS B 202 -32.11 7.37 -2.42
N GLY B 203 -31.14 7.01 -3.27
CA GLY B 203 -30.38 8.01 -4.03
C GLY B 203 -29.60 8.91 -3.10
N GLY B 204 -29.41 10.16 -3.50
CA GLY B 204 -28.53 11.09 -2.80
C GLY B 204 -27.09 10.63 -2.82
N ARG B 205 -26.31 11.08 -1.85
CA ARG B 205 -24.88 10.73 -1.78
C ARG B 205 -24.67 9.47 -0.97
N VAL B 206 -23.97 8.47 -1.53
CA VAL B 206 -23.78 7.16 -0.91
C VAL B 206 -22.31 6.86 -1.02
N VAL B 207 -21.72 6.39 0.08
CA VAL B 207 -20.32 5.97 0.10
C VAL B 207 -20.31 4.48 0.48
N ILE B 208 -19.61 3.67 -0.33
CA ILE B 208 -19.46 2.24 -0.10
C ILE B 208 -17.99 2.02 0.26
N MET B 209 -17.79 1.43 1.43
CA MET B 209 -16.44 1.01 1.85
C MET B 209 -16.11 -0.30 1.19
N GLY B 210 -14.91 -0.34 0.62
CA GLY B 210 -14.42 -1.54 -0.03
C GLY B 210 -13.87 -2.59 0.93
N HIS B 211 -13.22 -3.59 0.35
CA HIS B 211 -12.55 -4.61 1.12
C HIS B 211 -11.30 -5.07 0.43
N ASP B 212 -10.42 -5.68 1.19
CA ASP B 212 -9.16 -6.14 0.61
C ASP B 212 -9.41 -7.18 -0.46
N ASN B 213 -8.64 -7.04 -1.51
CA ASN B 213 -8.51 -8.00 -2.62
C ASN B 213 -9.69 -8.14 -3.52
N ILE B 214 -10.54 -7.10 -3.58
CA ILE B 214 -11.45 -6.98 -4.72
C ILE B 214 -10.65 -7.04 -6.01
N ALA B 215 -11.09 -7.86 -6.97
CA ALA B 215 -10.44 -7.99 -8.25
C ALA B 215 -11.18 -7.17 -9.28
N LEU B 216 -10.41 -6.45 -10.10
CA LEU B 216 -10.96 -5.60 -11.14
C LEU B 216 -10.38 -6.05 -12.49
N ILE B 217 -11.22 -6.43 -13.43
CA ILE B 217 -10.71 -6.83 -14.77
C ILE B 217 -11.17 -5.85 -15.83
N ARG B 218 -10.26 -5.42 -16.70
CA ARG B 218 -10.61 -4.74 -17.93
C ARG B 218 -10.07 -5.62 -19.05
N SER B 219 -10.99 -6.27 -19.78
CA SER B 219 -10.62 -7.16 -20.87
C SER B 219 -11.19 -6.53 -22.13
N GLY B 220 -10.33 -6.25 -23.09
CA GLY B 220 -10.67 -5.37 -24.21
C GLY B 220 -10.52 -5.91 -25.61
N GLN B 221 -11.26 -5.28 -26.52
CA GLN B 221 -11.37 -5.67 -27.95
C GLN B 221 -11.25 -4.42 -28.81
N ASP B 222 -10.27 -4.37 -29.70
CA ASP B 222 -10.05 -3.20 -30.56
C ASP B 222 -9.91 -3.73 -31.97
N TRP B 223 -10.93 -3.42 -32.78
CA TRP B 223 -11.00 -3.88 -34.16
C TRP B 223 -10.97 -2.70 -35.12
N ALA B 224 -10.58 -1.52 -34.61
CA ALA B 224 -10.64 -0.24 -35.36
C ALA B 224 -9.81 -0.26 -36.62
N ASP B 225 -8.72 -1.01 -36.57
CA ASP B 225 -7.73 -1.06 -37.67
C ASP B 225 -7.80 -2.36 -38.45
N ALA B 226 -8.69 -3.26 -38.03
CA ALA B 226 -8.83 -4.52 -38.74
C ALA B 226 -9.33 -4.30 -40.17
N GLU B 227 -8.64 -4.95 -41.12
CA GLU B 227 -9.15 -5.03 -42.48
C GLU B 227 -10.33 -5.99 -42.49
N ALA B 228 -10.97 -6.11 -43.65
CA ALA B 228 -12.13 -6.98 -43.90
C ALA B 228 -12.18 -8.32 -43.15
N GLU B 229 -11.10 -9.07 -43.27
CA GLU B 229 -11.05 -10.42 -42.71
C GLU B 229 -11.15 -10.46 -41.17
N GLU B 230 -10.28 -9.71 -40.50
CA GLU B 230 -10.29 -9.69 -39.05
C GLU B 230 -11.55 -8.99 -38.51
N ARG B 231 -12.11 -8.03 -39.23
CA ARG B 231 -13.40 -7.41 -38.82
C ARG B 231 -14.52 -8.43 -38.73
N SER B 232 -14.59 -9.31 -39.72
CA SER B 232 -15.60 -10.37 -39.70
C SER B 232 -15.32 -11.43 -38.63
N LEU B 233 -14.08 -11.89 -38.51
CA LEU B 233 -13.71 -12.81 -37.45
C LEU B 233 -14.26 -12.26 -36.13
N TYR B 234 -13.95 -11.00 -35.85
CA TYR B 234 -14.38 -10.45 -34.56
C TYR B 234 -15.90 -10.28 -34.44
N LEU B 235 -16.50 -9.51 -35.34
CA LEU B 235 -17.89 -9.12 -35.14
C LEU B 235 -18.86 -10.27 -35.37
N ASP B 236 -18.48 -11.20 -36.26
CA ASP B 236 -19.35 -12.30 -36.63
C ASP B 236 -19.13 -13.56 -35.77
N GLU B 237 -17.88 -13.83 -35.42
CA GLU B 237 -17.48 -15.12 -34.83
C GLU B 237 -17.11 -15.04 -33.34
N ILE B 238 -16.69 -13.89 -32.86
CA ILE B 238 -16.34 -13.72 -31.44
C ILE B 238 -17.41 -12.95 -30.67
N LEU B 239 -17.80 -11.79 -31.17
CA LEU B 239 -18.71 -10.92 -30.41
C LEU B 239 -20.04 -11.56 -29.96
N PRO B 240 -20.73 -12.33 -30.81
CA PRO B 240 -22.01 -12.84 -30.32
C PRO B 240 -21.88 -13.70 -29.05
N THR B 241 -20.80 -14.47 -28.97
CA THR B 241 -20.58 -15.33 -27.78
C THR B 241 -20.12 -14.49 -26.59
N LEU B 242 -19.25 -13.54 -26.84
CA LEU B 242 -18.83 -12.60 -25.82
C LEU B 242 -20.02 -11.86 -25.22
N GLN B 243 -20.90 -11.34 -26.09
CA GLN B 243 -22.11 -10.66 -25.65
C GLN B 243 -22.95 -11.59 -24.76
N ASP B 244 -23.08 -12.86 -25.14
CA ASP B 244 -23.77 -13.81 -24.28
C ASP B 244 -23.08 -13.95 -22.90
N GLY B 245 -21.74 -13.96 -22.89
CA GLY B 245 -21.06 -14.09 -21.59
C GLY B 245 -21.18 -12.85 -20.74
N MET B 246 -21.13 -11.67 -21.39
CA MET B 246 -21.32 -10.41 -20.67
C MET B 246 -22.74 -10.23 -20.10
N ASP B 247 -23.76 -10.58 -20.87
CA ASP B 247 -25.14 -10.58 -20.39
C ASP B 247 -25.31 -11.56 -19.23
N PHE B 248 -24.63 -12.71 -19.28
CA PHE B 248 -24.72 -13.65 -18.21
C PHE B 248 -24.18 -13.06 -16.92
N LEU B 249 -23.02 -12.43 -16.98
CA LEU B 249 -22.39 -11.86 -15.78
C LEU B 249 -23.20 -10.70 -15.23
N ARG B 250 -23.68 -9.86 -16.16
CA ARG B 250 -24.52 -8.72 -15.84
C ARG B 250 -25.77 -9.15 -15.08
N ASP B 251 -26.40 -10.22 -15.51
CA ASP B 251 -27.71 -10.59 -14.97
C ASP B 251 -27.70 -11.73 -13.97
N ASN B 252 -26.57 -12.46 -13.89
CA ASN B 252 -26.51 -13.68 -13.09
C ASN B 252 -25.23 -13.76 -12.27
N GLY B 253 -24.49 -12.66 -12.24
CA GLY B 253 -23.18 -12.65 -11.58
C GLY B 253 -23.18 -12.55 -10.08
N GLN B 254 -24.28 -12.10 -9.45
CA GLN B 254 -24.28 -11.87 -8.00
C GLN B 254 -23.87 -13.10 -7.20
N PRO B 255 -24.51 -14.25 -7.46
CA PRO B 255 -24.13 -15.46 -6.72
C PRO B 255 -22.73 -15.95 -6.97
N LEU B 256 -22.11 -15.52 -8.07
CA LEU B 256 -20.77 -15.95 -8.46
C LEU B 256 -19.67 -15.08 -7.90
N GLY B 257 -20.06 -13.98 -7.25
CA GLY B 257 -19.12 -13.01 -6.70
C GLY B 257 -18.73 -11.92 -7.68
N CYS B 258 -19.48 -11.76 -8.76
CA CYS B 258 -19.30 -10.62 -9.67
C CYS B 258 -20.21 -9.47 -9.24
N TYR B 259 -19.63 -8.50 -8.56
CA TYR B 259 -20.35 -7.37 -7.97
C TYR B 259 -20.96 -6.47 -9.04
N SER B 260 -20.25 -6.34 -10.15
CA SER B 260 -20.62 -5.43 -11.22
C SER B 260 -19.96 -5.90 -12.50
N ASN B 261 -20.77 -6.07 -13.54
CA ASN B 261 -20.19 -6.37 -14.85
C ASN B 261 -20.70 -5.38 -15.87
N ARG B 262 -19.78 -4.64 -16.49
CA ARG B 262 -20.14 -3.67 -17.52
C ARG B 262 -19.44 -4.02 -18.83
N PHE B 263 -20.19 -3.98 -19.91
CA PHE B 263 -19.63 -4.20 -21.23
C PHE B 263 -19.85 -2.92 -21.99
N VAL B 264 -18.73 -2.20 -22.21
CA VAL B 264 -18.77 -0.81 -22.65
C VAL B 264 -18.10 -0.62 -23.99
N ARG B 265 -18.57 0.39 -24.73
CA ARG B 265 -18.00 0.74 -26.00
C ARG B 265 -17.41 2.18 -25.95
N ASN B 266 -16.17 2.34 -26.43
CA ASN B 266 -15.60 3.69 -26.46
C ASN B 266 -16.46 4.63 -27.34
N ILE B 267 -16.53 5.88 -26.92
CA ILE B 267 -17.18 6.95 -27.63
C ILE B 267 -16.29 8.20 -27.66
N ASP B 268 -16.58 9.11 -28.58
CA ASP B 268 -16.02 10.47 -28.47
C ASP B 268 -16.93 11.34 -27.59
N LEU B 269 -16.53 12.59 -27.35
CA LEU B 269 -17.34 13.50 -26.51
C LEU B 269 -18.68 13.87 -27.14
N ASP B 270 -18.86 13.61 -28.44
CA ASP B 270 -20.16 13.80 -29.09
C ASP B 270 -21.08 12.58 -28.94
N GLY B 271 -20.54 11.47 -28.43
CA GLY B 271 -21.32 10.24 -28.24
C GLY B 271 -21.30 9.33 -29.46
N ASN B 272 -20.43 9.62 -30.43
CA ASN B 272 -20.15 8.72 -31.56
C ASN B 272 -19.32 7.53 -31.11
N PHE B 273 -19.78 6.33 -31.47
CA PHE B 273 -19.05 5.11 -31.09
C PHE B 273 -17.76 4.93 -31.86
N LEU B 274 -16.79 4.36 -31.20
CA LEU B 274 -15.54 3.95 -31.83
C LEU B 274 -15.51 2.42 -31.84
N ASP B 275 -14.60 1.84 -32.63
CA ASP B 275 -14.55 0.38 -32.81
C ASP B 275 -13.60 -0.23 -31.78
N VAL B 276 -13.89 0.07 -30.53
CA VAL B 276 -13.12 -0.39 -29.38
C VAL B 276 -14.15 -0.58 -28.25
N SER B 277 -13.99 -1.69 -27.54
CA SER B 277 -14.82 -2.03 -26.40
C SER B 277 -13.99 -2.69 -25.29
N TYR B 278 -14.58 -2.81 -24.12
CA TYR B 278 -14.05 -3.65 -23.07
C TYR B 278 -15.08 -3.99 -22.00
N ASN B 279 -14.77 -5.04 -21.24
CA ASN B 279 -15.49 -5.35 -19.99
C ASN B 279 -14.82 -4.60 -18.86
N ILE B 280 -15.61 -4.12 -17.91
CA ILE B 280 -15.14 -3.62 -16.63
C ILE B 280 -15.85 -4.48 -15.60
N GLY B 281 -15.12 -5.41 -14.97
CA GLY B 281 -15.74 -6.37 -14.06
C GLY B 281 -15.14 -6.21 -12.68
N HIS B 282 -16.01 -6.05 -11.66
CA HIS B 282 -15.61 -6.05 -10.26
C HIS B 282 -16.07 -7.31 -9.55
N TRP B 283 -15.12 -8.03 -8.95
CA TRP B 283 -15.32 -9.35 -8.37
C TRP B 283 -14.84 -9.40 -6.92
N ARG B 284 -15.54 -10.15 -6.11
CA ARG B 284 -15.15 -10.33 -4.71
C ARG B 284 -13.70 -10.78 -4.52
N SER B 285 -13.20 -11.63 -5.41
CA SER B 285 -11.80 -12.05 -5.36
C SER B 285 -11.36 -12.52 -6.72
N LEU B 286 -10.07 -12.66 -6.85
CA LEU B 286 -9.51 -13.19 -8.08
C LEU B 286 -9.96 -14.65 -8.29
N GLU B 287 -10.08 -15.42 -7.20
CA GLU B 287 -10.54 -16.79 -7.26
C GLU B 287 -11.92 -16.93 -7.88
N LYS B 288 -12.85 -16.05 -7.53
CA LYS B 288 -14.19 -16.08 -8.11
C LYS B 288 -14.13 -15.88 -9.64
N LEU B 289 -13.31 -14.94 -10.07
CA LEU B 289 -13.09 -14.67 -11.48
C LEU B 289 -12.47 -15.86 -12.21
N GLU B 290 -11.50 -16.47 -11.57
CA GLU B 290 -10.85 -17.67 -12.10
C GLU B 290 -11.83 -18.77 -12.40
N ARG B 291 -12.77 -19.00 -11.46
CA ARG B 291 -13.71 -20.05 -11.60
C ARG B 291 -14.63 -19.84 -12.79
N TRP B 292 -15.07 -18.61 -13.00
CA TRP B 292 -16.00 -18.31 -14.06
C TRP B 292 -15.29 -18.48 -15.40
N ALA B 293 -14.09 -17.90 -15.53
CA ALA B 293 -13.37 -17.91 -16.82
C ALA B 293 -13.04 -19.33 -17.30
N GLU B 294 -12.73 -20.21 -16.35
CA GLU B 294 -12.26 -21.57 -16.68
C GLU B 294 -13.39 -22.58 -16.85
N SER B 295 -14.64 -22.18 -16.55
CA SER B 295 -15.74 -23.14 -16.52
C SER B 295 -16.97 -22.71 -17.33
N HIS B 296 -17.13 -21.41 -17.63
CA HIS B 296 -18.34 -20.98 -18.39
C HIS B 296 -18.23 -21.21 -19.90
N PRO B 297 -19.30 -21.76 -20.52
CA PRO B 297 -19.23 -22.06 -21.98
C PRO B 297 -18.91 -20.85 -22.87
N THR B 298 -19.37 -19.66 -22.48
CA THR B 298 -19.10 -18.46 -23.27
C THR B 298 -17.65 -18.15 -23.36
N HIS B 299 -17.02 -18.00 -22.19
CA HIS B 299 -15.60 -17.73 -22.17
C HIS B 299 -14.84 -18.89 -22.75
N LEU B 300 -15.22 -20.12 -22.41
CA LEU B 300 -14.49 -21.26 -22.99
C LEU B 300 -14.55 -21.32 -24.54
N ARG B 301 -15.70 -21.02 -25.09
CA ARG B 301 -15.87 -20.92 -26.55
C ARG B 301 -14.94 -19.90 -27.25
N ILE B 302 -14.79 -18.69 -26.67
CA ILE B 302 -13.93 -17.67 -27.27
C ILE B 302 -12.44 -17.94 -27.00
N PHE B 303 -12.16 -18.60 -25.86
CA PHE B 303 -10.80 -19.06 -25.51
C PHE B 303 -10.34 -19.95 -26.66
N VAL B 304 -11.17 -20.91 -27.01
CA VAL B 304 -10.83 -21.89 -28.05
C VAL B 304 -10.61 -21.20 -29.39
N THR B 305 -11.50 -20.30 -29.76
CA THR B 305 -11.34 -19.57 -30.99
C THR B 305 -10.06 -18.79 -31.01
N PHE B 306 -9.73 -18.16 -29.89
CA PHE B 306 -8.47 -17.48 -29.82
C PHE B 306 -7.27 -18.39 -30.05
N PHE B 307 -7.27 -19.56 -29.43
CA PHE B 307 -6.17 -20.51 -29.63
C PHE B 307 -6.03 -20.85 -31.12
N ARG B 308 -7.17 -20.97 -31.80
CA ARG B 308 -7.20 -21.28 -33.24
C ARG B 308 -6.61 -20.15 -34.08
N VAL B 309 -7.04 -18.90 -33.82
CA VAL B 309 -6.75 -17.77 -34.72
C VAL B 309 -5.54 -16.92 -34.34
N ALA B 310 -4.97 -17.18 -33.16
CA ALA B 310 -3.88 -16.36 -32.59
C ALA B 310 -2.69 -16.19 -33.54
N ALA B 311 -2.37 -17.25 -34.30
CA ALA B 311 -1.23 -17.25 -35.23
C ALA B 311 -1.41 -16.25 -36.36
N GLY B 312 -2.65 -16.11 -36.81
CA GLY B 312 -2.96 -15.25 -37.94
C GLY B 312 -3.13 -13.78 -37.63
N LEU B 313 -3.55 -13.44 -36.40
CA LEU B 313 -3.92 -12.06 -36.10
C LEU B 313 -2.85 -11.02 -36.48
N LYS B 314 -3.31 -9.97 -37.14
CA LYS B 314 -2.44 -8.92 -37.60
C LYS B 314 -2.85 -7.61 -36.97
N LYS B 315 -4.12 -7.26 -37.08
CA LYS B 315 -4.60 -5.96 -36.65
C LYS B 315 -5.63 -5.97 -35.50
N LEU B 316 -6.34 -7.05 -35.32
CA LEU B 316 -7.29 -7.13 -34.24
C LEU B 316 -6.50 -7.17 -32.91
N ARG B 317 -6.89 -6.35 -31.92
CA ARG B 317 -6.10 -6.19 -30.70
C ARG B 317 -6.95 -6.66 -29.54
N LEU B 318 -6.48 -7.71 -28.89
CA LEU B 318 -7.15 -8.29 -27.74
C LEU B 318 -6.15 -8.32 -26.59
N TYR B 319 -6.66 -8.07 -25.38
CA TYR B 319 -5.81 -7.92 -24.20
C TYR B 319 -6.65 -7.91 -22.93
N HIS B 320 -5.98 -8.12 -21.79
CA HIS B 320 -6.56 -7.76 -20.53
C HIS B 320 -5.61 -7.15 -19.54
N GLU B 321 -6.20 -6.50 -18.54
CA GLU B 321 -5.49 -6.11 -17.34
C GLU B 321 -6.36 -6.55 -16.15
N VAL B 322 -5.73 -7.09 -15.13
CA VAL B 322 -6.46 -7.49 -13.92
C VAL B 322 -5.68 -7.00 -12.73
N SER B 323 -6.39 -6.52 -11.72
CA SER B 323 -5.74 -5.98 -10.56
C SER B 323 -6.51 -6.38 -9.31
N VAL B 324 -5.81 -6.31 -8.18
CA VAL B 324 -6.47 -6.40 -6.88
C VAL B 324 -6.00 -5.18 -6.12
N SER B 325 -6.78 -4.78 -5.13
CA SER B 325 -6.37 -3.63 -4.33
C SER B 325 -6.79 -3.78 -2.88
N ASP B 326 -6.13 -3.01 -2.04
CA ASP B 326 -6.44 -2.91 -0.60
C ASP B 326 -7.68 -2.04 -0.38
N ALA B 327 -8.49 -2.37 0.61
CA ALA B 327 -9.60 -1.48 1.08
C ALA B 327 -9.13 -0.03 1.25
N LYS B 328 -7.92 0.15 1.79
CA LYS B 328 -7.40 1.48 2.03
C LYS B 328 -7.06 2.26 0.75
N SER B 329 -7.05 1.58 -0.40
CA SER B 329 -6.77 2.20 -1.68
C SER B 329 -7.99 2.14 -2.61
N GLN B 330 -9.20 2.08 -2.07
CA GLN B 330 -10.41 2.07 -2.87
C GLN B 330 -11.36 3.16 -2.47
N VAL B 331 -12.05 3.72 -3.49
CA VAL B 331 -13.12 4.68 -3.33
C VAL B 331 -14.31 4.22 -4.17
N PHE B 332 -15.49 4.16 -3.54
CA PHE B 332 -16.73 3.81 -4.25
C PHE B 332 -17.80 4.79 -3.75
N GLU B 333 -18.11 5.77 -4.58
CA GLU B 333 -19.01 6.86 -4.20
C GLU B 333 -20.02 7.10 -5.31
N TYR B 334 -21.27 7.39 -4.92
CA TYR B 334 -22.39 7.46 -5.84
C TYR B 334 -23.26 8.68 -5.47
N ILE B 335 -23.73 9.40 -6.47
CA ILE B 335 -24.66 10.53 -6.25
C ILE B 335 -25.88 10.32 -7.15
N ASN B 336 -27.04 10.16 -6.54
CA ASN B 336 -28.31 9.96 -7.31
C ASN B 336 -28.22 8.91 -8.41
N CYS B 337 -27.57 7.78 -8.10
CA CYS B 337 -27.57 6.64 -8.97
C CYS B 337 -28.61 5.66 -8.51
N HIS B 338 -29.09 4.86 -9.45
CA HIS B 338 -30.06 3.82 -9.06
C HIS B 338 -29.42 2.73 -8.24
N PRO B 339 -30.24 1.96 -7.47
CA PRO B 339 -29.67 1.03 -6.47
C PRO B 339 -28.89 -0.19 -7.00
N HIS B 340 -28.94 -0.47 -8.31
CA HIS B 340 -28.16 -1.57 -8.88
C HIS B 340 -26.84 -1.07 -9.53
N THR B 341 -26.53 0.19 -9.33
CA THR B 341 -25.32 0.77 -9.94
C THR B 341 -24.03 0.32 -9.25
N GLY B 342 -23.13 -0.33 -10.00
CA GLY B 342 -21.81 -0.63 -9.50
C GLY B 342 -21.88 -1.35 -8.16
N MET B 343 -21.15 -0.82 -7.18
CA MET B 343 -21.03 -1.50 -5.88
C MET B 343 -22.21 -1.23 -4.96
N LEU B 344 -23.20 -0.42 -5.39
CA LEU B 344 -24.39 -0.28 -4.61
C LEU B 344 -25.20 -1.54 -4.48
N ARG B 345 -25.13 -2.44 -5.47
CA ARG B 345 -26.06 -3.55 -5.55
C ARG B 345 -25.79 -4.51 -4.42
N ASP B 346 -24.51 -4.88 -4.24
CA ASP B 346 -24.19 -5.97 -3.29
C ASP B 346 -23.64 -5.44 -1.95
N ALA B 347 -23.58 -4.12 -1.81
CA ALA B 347 -23.14 -3.52 -0.53
C ALA B 347 -24.03 -3.97 0.61
N VAL B 348 -23.38 -4.30 1.71
CA VAL B 348 -24.08 -4.80 2.87
C VAL B 348 -24.41 -3.61 3.77
N VAL B 349 -25.64 -3.60 4.26
CA VAL B 349 -26.10 -2.53 5.10
C VAL B 349 -25.65 -2.77 6.51
N ALA B 350 -25.90 -3.92 7.10
CA ALA B 350 -25.44 -4.01 8.50
C ALA B 350 -24.64 -5.29 8.82
N PRO B 351 -23.38 -5.38 8.33
CA PRO B 351 -22.60 -6.62 8.44
C PRO B 351 -22.06 -6.82 9.84
#